data_2D5W
#
_entry.id   2D5W
#
_cell.length_a   100.600
_cell.length_b   109.200
_cell.length_c   114.600
_cell.angle_alpha   90.00
_cell.angle_beta   90.00
_cell.angle_gamma   90.00
#
_symmetry.space_group_name_H-M   'P 21 21 2'
#
loop_
_entity.id
_entity.type
_entity.pdbx_description
1 polymer 'peptide ABC transporter, peptide-binding protein'
2 polymer 'pentapeptide A'
3 polymer 'pentapeptide B'
4 water water
#
loop_
_entity_poly.entity_id
_entity_poly.type
_entity_poly.pdbx_seq_one_letter_code
_entity_poly.pdbx_strand_id
1 'polypeptide(L)'
;MGPQDNSLVIGASQEPRVLAGDFLRVISNQAIKSEIEQYLFAPFIGFNADSQNFPVLATEVPTLENGRLRVTDIGGGKKR
LEMDITIRPDAKWSDGRPITTEDVAFYFEVGKAKGMPVLNPDFWERVNVRIKDARNFTLIFEPAYYYDTYGPINTYAPKH
IMGPEWERVKAAARGLDPDKDAEKLNELYRNFFLKFATPQALNRGAMVYSGPFKLKRWVPGNSIEMERNPNFPIKPEGGE
SKYVQKVVYRFIQNTNSLLVAVIGGSIDATSSVSLTFDQGRSPQLVRRAPGRFDIWFVPGAIWEHIDINKFENCQVVKDL
GLNDKRTRQAILHALNREGLVKAFFDGLQPVAHTWIAPVNPLFNPNVKKYEFDLKKAEALLAEMGWRKGPDGILQRTVNG
RTVRFEIEYVTTAGNVVRERTQQFFAEDLKKIGIAVKINNAPSAVVFADEFIQRASECKWTGMFEFAWVSNLQEDGSLFQ
YKNLNTGAIMVPTKENNYQGQNIGGWRNDEFDRLTSQAVLEFDPERRKQLFWRAQEIWAEELPALPLYFRANPYVVRKGL
VNYVASAYSGGYGYPGWNAWEIGWESRGAVKKWDQAKYALSTR
;
A,B
2 'polypeptide(L)' ASKPK C
3 'polypeptide(L)' ASKTK D
#
# COMPACT_ATOMS: atom_id res chain seq x y z
N MET A 1 7.64 21.48 -13.53
CA MET A 1 8.30 21.32 -12.20
C MET A 1 9.71 20.77 -12.35
N GLY A 2 9.94 20.06 -13.45
CA GLY A 2 11.26 19.51 -13.71
C GLY A 2 12.10 20.54 -14.42
N PRO A 3 11.76 20.88 -15.67
CA PRO A 3 12.51 21.87 -16.44
C PRO A 3 12.36 23.24 -15.77
N GLN A 4 11.30 23.38 -14.98
CA GLN A 4 11.00 24.61 -14.27
C GLN A 4 12.16 25.05 -13.40
N ASP A 5 12.50 24.23 -12.40
CA ASP A 5 13.60 24.55 -11.50
C ASP A 5 14.86 23.79 -11.86
N ASN A 6 14.81 23.07 -12.98
CA ASN A 6 15.94 22.30 -13.48
C ASN A 6 16.42 21.26 -12.46
N SER A 7 15.50 20.40 -12.05
CA SER A 7 15.80 19.35 -11.08
C SER A 7 15.35 17.98 -11.55
N LEU A 8 15.78 16.95 -10.84
CA LEU A 8 15.45 15.56 -11.15
C LEU A 8 15.04 14.80 -9.89
N VAL A 9 13.78 14.39 -9.84
CA VAL A 9 13.27 13.63 -8.69
C VAL A 9 13.17 12.17 -9.11
N ILE A 10 13.88 11.32 -8.38
CA ILE A 10 13.92 9.89 -8.65
C ILE A 10 13.24 9.11 -7.53
N GLY A 11 12.32 8.22 -7.90
CA GLY A 11 11.61 7.44 -6.91
C GLY A 11 12.22 6.06 -6.70
N ALA A 12 12.35 5.67 -5.44
CA ALA A 12 12.92 4.38 -5.08
C ALA A 12 12.11 3.74 -3.94
N SER A 13 12.13 2.42 -3.88
CA SER A 13 11.39 1.70 -2.83
C SER A 13 12.27 1.17 -1.71
N GLN A 14 13.57 1.46 -1.78
CA GLN A 14 14.52 1.04 -0.76
C GLN A 14 15.47 2.20 -0.51
N GLU A 15 15.95 2.31 0.73
CA GLU A 15 16.84 3.39 1.10
C GLU A 15 18.17 2.86 1.63
N PRO A 16 19.28 3.53 1.28
CA PRO A 16 20.59 3.06 1.77
C PRO A 16 20.62 3.11 3.30
N ARG A 17 21.24 2.12 3.93
CA ARG A 17 21.36 2.12 5.37
C ARG A 17 22.45 3.11 5.78
N VAL A 18 23.51 3.18 4.98
CA VAL A 18 24.63 4.10 5.17
C VAL A 18 24.99 4.61 3.78
N LEU A 19 25.80 5.66 3.72
CA LEU A 19 26.15 6.25 2.44
C LEU A 19 27.50 6.93 2.41
N ALA A 20 28.14 6.92 1.24
CA ALA A 20 29.40 7.59 0.99
C ALA A 20 30.68 7.10 1.65
N GLY A 21 30.71 7.06 2.98
CA GLY A 21 31.91 6.65 3.70
C GLY A 21 32.20 5.15 3.71
N ASP A 22 31.18 4.35 3.46
CA ASP A 22 31.30 2.88 3.44
C ASP A 22 31.78 2.50 2.04
N PHE A 23 32.95 3.01 1.67
CA PHE A 23 33.47 2.81 0.32
C PHE A 23 33.89 1.41 -0.11
N LEU A 24 34.01 0.49 0.83
CA LEU A 24 34.32 -0.90 0.47
C LEU A 24 33.02 -1.70 0.53
N ARG A 25 31.93 -1.02 0.85
CA ARG A 25 30.60 -1.62 0.90
C ARG A 25 30.49 -2.79 1.88
N VAL A 26 31.24 -2.72 2.97
CA VAL A 26 31.22 -3.78 3.96
C VAL A 26 30.01 -3.72 4.89
N ILE A 27 29.46 -2.53 5.10
CA ILE A 27 28.28 -2.38 5.96
C ILE A 27 27.04 -2.60 5.10
N SER A 28 27.00 -1.99 3.93
CA SER A 28 25.89 -2.16 3.01
C SER A 28 26.35 -2.23 1.58
N ASN A 29 25.87 -3.23 0.86
CA ASN A 29 26.18 -3.40 -0.54
C ASN A 29 24.86 -3.34 -1.32
N GLN A 30 23.89 -2.65 -0.76
CA GLN A 30 22.58 -2.47 -1.40
C GLN A 30 22.71 -1.89 -2.80
N ALA A 31 21.94 -2.42 -3.73
CA ALA A 31 21.94 -1.90 -5.08
C ALA A 31 21.54 -0.42 -5.09
N ILE A 32 20.58 -0.04 -4.25
CA ILE A 32 20.14 1.35 -4.24
C ILE A 32 21.28 2.28 -3.80
N LYS A 33 22.09 1.81 -2.85
CA LYS A 33 23.22 2.60 -2.38
C LYS A 33 24.23 2.83 -3.51
N SER A 34 24.55 1.78 -4.25
CA SER A 34 25.48 1.90 -5.36
C SER A 34 24.95 2.80 -6.46
N GLU A 35 23.66 2.70 -6.76
CA GLU A 35 23.08 3.54 -7.81
C GLU A 35 23.19 5.02 -7.44
N ILE A 36 22.77 5.35 -6.23
CA ILE A 36 22.83 6.74 -5.77
C ILE A 36 24.26 7.25 -5.75
N GLU A 37 25.19 6.40 -5.34
CA GLU A 37 26.57 6.84 -5.27
C GLU A 37 27.21 7.17 -6.62
N GLN A 38 26.61 6.73 -7.72
CA GLN A 38 27.16 7.07 -9.03
C GLN A 38 27.07 8.59 -9.18
N TYR A 39 26.01 9.18 -8.63
CA TYR A 39 25.83 10.63 -8.73
C TYR A 39 26.85 11.38 -7.88
N LEU A 40 27.27 10.75 -6.78
CA LEU A 40 28.19 11.35 -5.82
C LEU A 40 29.67 11.03 -5.98
N PHE A 41 29.98 9.90 -6.61
CA PHE A 41 31.35 9.46 -6.79
C PHE A 41 31.55 8.93 -8.19
N ALA A 42 32.52 9.48 -8.91
CA ALA A 42 32.78 9.05 -10.27
C ALA A 42 33.97 8.11 -10.37
N PRO A 43 33.90 7.15 -11.28
CA PRO A 43 35.00 6.19 -11.46
C PRO A 43 36.09 6.75 -12.35
N PHE A 44 37.22 6.06 -12.40
CA PHE A 44 38.31 6.48 -13.28
C PHE A 44 37.88 6.05 -14.68
N ILE A 45 37.35 4.84 -14.76
CA ILE A 45 36.86 4.27 -16.01
C ILE A 45 35.42 3.84 -15.79
N GLY A 46 34.52 4.31 -16.65
CA GLY A 46 33.12 3.94 -16.52
C GLY A 46 32.75 2.85 -17.50
N PHE A 47 31.50 2.39 -17.45
CA PHE A 47 31.02 1.36 -18.37
C PHE A 47 29.68 1.88 -18.88
N ASN A 48 29.59 2.16 -20.17
CA ASN A 48 28.37 2.73 -20.73
C ASN A 48 27.28 1.76 -21.14
N ALA A 49 26.18 2.31 -21.65
CA ALA A 49 25.03 1.53 -22.07
C ALA A 49 25.33 0.58 -23.23
N ASP A 50 26.38 0.89 -23.99
CA ASP A 50 26.78 0.07 -25.13
C ASP A 50 27.77 -1.01 -24.66
N SER A 51 27.87 -1.17 -23.35
CA SER A 51 28.77 -2.16 -22.75
C SER A 51 30.23 -1.93 -23.13
N GLN A 52 30.66 -0.68 -23.06
CA GLN A 52 32.03 -0.32 -23.38
C GLN A 52 32.67 0.50 -22.27
N ASN A 53 33.94 0.25 -22.02
CA ASN A 53 34.66 1.03 -21.03
C ASN A 53 34.84 2.41 -21.66
N PHE A 54 34.78 3.45 -20.83
CA PHE A 54 35.00 4.79 -21.34
C PHE A 54 35.64 5.60 -20.23
N PRO A 55 36.47 6.59 -20.59
CA PRO A 55 37.11 7.38 -19.54
C PRO A 55 36.21 8.37 -18.83
N VAL A 56 36.34 8.45 -17.51
CA VAL A 56 35.59 9.41 -16.73
C VAL A 56 36.63 10.27 -16.01
N LEU A 57 37.08 9.88 -14.82
CA LEU A 57 38.09 10.69 -14.16
C LEU A 57 39.52 10.37 -14.62
N ALA A 58 39.67 9.31 -15.40
CA ALA A 58 40.97 8.94 -15.96
C ALA A 58 41.03 9.55 -17.37
N THR A 59 42.23 9.73 -17.90
CA THR A 59 42.40 10.32 -19.23
C THR A 59 42.01 9.44 -20.40
N GLU A 60 42.19 8.13 -20.26
CA GLU A 60 41.85 7.22 -21.34
C GLU A 60 41.81 5.78 -20.87
N VAL A 61 41.06 4.97 -21.60
CA VAL A 61 40.93 3.56 -21.28
C VAL A 61 42.22 2.83 -21.65
N PRO A 62 42.80 2.08 -20.71
CA PRO A 62 44.04 1.35 -20.99
C PRO A 62 43.80 0.17 -21.93
N THR A 63 44.68 -0.01 -22.90
CA THR A 63 44.56 -1.11 -23.85
C THR A 63 45.95 -1.60 -24.22
N LEU A 64 46.01 -2.72 -24.92
CA LEU A 64 47.30 -3.25 -25.36
C LEU A 64 47.82 -2.30 -26.43
N GLU A 65 46.90 -1.78 -27.24
CA GLU A 65 47.21 -0.87 -28.33
C GLU A 65 47.92 0.40 -27.90
N ASN A 66 47.54 0.97 -26.75
CA ASN A 66 48.20 2.19 -26.29
C ASN A 66 49.26 1.91 -25.23
N GLY A 67 49.59 0.64 -25.05
CA GLY A 67 50.61 0.26 -24.09
C GLY A 67 50.29 0.40 -22.62
N ARG A 68 49.04 0.71 -22.29
CA ARG A 68 48.66 0.87 -20.89
C ARG A 68 48.33 -0.47 -20.23
N LEU A 69 48.17 -1.51 -21.05
CA LEU A 69 47.92 -2.84 -20.53
C LEU A 69 49.11 -3.72 -20.87
N ARG A 70 49.59 -4.50 -19.90
CA ARG A 70 50.70 -5.40 -20.11
C ARG A 70 50.38 -6.74 -19.48
N VAL A 71 50.40 -7.78 -20.29
CA VAL A 71 50.12 -9.13 -19.82
C VAL A 71 51.38 -9.97 -19.91
N THR A 72 51.81 -10.53 -18.78
CA THR A 72 53.01 -11.36 -18.77
C THR A 72 52.68 -12.76 -18.27
N ASP A 73 53.31 -13.75 -18.87
CA ASP A 73 53.09 -15.14 -18.48
C ASP A 73 53.94 -15.47 -17.26
N ILE A 74 53.30 -15.95 -16.20
CA ILE A 74 54.02 -16.29 -14.99
C ILE A 74 54.11 -17.80 -14.81
N GLY A 75 53.83 -18.54 -15.88
CA GLY A 75 53.91 -19.99 -15.83
C GLY A 75 52.61 -20.70 -15.50
N GLY A 76 52.52 -21.96 -15.90
CA GLY A 76 51.35 -22.76 -15.62
C GLY A 76 50.06 -22.25 -16.25
N GLY A 77 50.19 -21.40 -17.27
CA GLY A 77 49.01 -20.87 -17.92
C GLY A 77 48.40 -19.69 -17.18
N LYS A 78 49.11 -19.18 -16.18
CA LYS A 78 48.61 -18.03 -15.42
C LYS A 78 49.30 -16.76 -15.90
N LYS A 79 48.68 -15.62 -15.62
CA LYS A 79 49.21 -14.34 -16.07
C LYS A 79 49.24 -13.25 -15.00
N ARG A 80 50.00 -12.21 -15.31
CA ARG A 80 50.11 -11.03 -14.48
C ARG A 80 49.61 -9.93 -15.41
N LEU A 81 48.66 -9.14 -14.93
CA LEU A 81 48.14 -8.03 -15.71
C LEU A 81 48.48 -6.72 -15.03
N GLU A 82 49.03 -5.79 -15.80
CA GLU A 82 49.35 -4.46 -15.28
C GLU A 82 48.51 -3.49 -16.08
N MET A 83 47.87 -2.56 -15.38
CA MET A 83 46.99 -1.57 -16.00
C MET A 83 47.37 -0.16 -15.58
N ASP A 84 47.87 0.63 -16.51
CA ASP A 84 48.29 2.01 -16.24
C ASP A 84 47.14 3.00 -16.37
N ILE A 85 46.86 3.71 -15.29
CA ILE A 85 45.81 4.71 -15.27
C ILE A 85 46.38 6.08 -14.97
N THR A 86 45.93 7.09 -15.71
CA THR A 86 46.37 8.46 -15.49
C THR A 86 45.14 9.26 -15.06
N ILE A 87 45.21 9.85 -13.88
CA ILE A 87 44.10 10.65 -13.36
C ILE A 87 44.11 12.00 -14.07
N ARG A 88 42.94 12.46 -14.54
CA ARG A 88 42.85 13.75 -15.21
C ARG A 88 43.38 14.85 -14.31
N PRO A 89 44.03 15.86 -14.89
CA PRO A 89 44.57 16.98 -14.11
C PRO A 89 43.50 17.79 -13.40
N ASP A 90 42.28 17.73 -13.90
CA ASP A 90 41.17 18.47 -13.32
C ASP A 90 40.20 17.64 -12.47
N ALA A 91 40.60 16.43 -12.11
CA ALA A 91 39.75 15.59 -11.26
C ALA A 91 39.84 16.19 -9.86
N LYS A 92 38.71 16.60 -9.31
CA LYS A 92 38.70 17.23 -7.99
C LYS A 92 37.55 16.84 -7.08
N TRP A 93 37.83 16.86 -5.77
CA TRP A 93 36.80 16.57 -4.79
C TRP A 93 35.92 17.82 -4.69
N SER A 94 34.72 17.65 -4.14
CA SER A 94 33.77 18.75 -4.02
C SER A 94 34.23 19.90 -3.13
N ASP A 95 35.27 19.68 -2.33
CA ASP A 95 35.79 20.75 -1.48
C ASP A 95 36.93 21.49 -2.17
N GLY A 96 37.19 21.13 -3.43
CA GLY A 96 38.23 21.80 -4.18
C GLY A 96 39.59 21.12 -4.19
N ARG A 97 39.79 20.14 -3.32
CA ARG A 97 41.06 19.44 -3.25
C ARG A 97 41.22 18.50 -4.46
N PRO A 98 42.47 18.31 -4.91
CA PRO A 98 42.70 17.44 -6.08
C PRO A 98 42.53 15.96 -5.76
N ILE A 99 42.10 15.19 -6.77
CA ILE A 99 42.00 13.75 -6.61
C ILE A 99 43.37 13.27 -7.11
N THR A 100 44.10 12.56 -6.26
CA THR A 100 45.44 12.12 -6.60
C THR A 100 45.67 10.65 -6.28
N THR A 101 46.88 10.18 -6.58
CA THR A 101 47.21 8.79 -6.30
C THR A 101 47.31 8.54 -4.81
N GLU A 102 47.31 9.59 -3.99
CA GLU A 102 47.33 9.36 -2.54
C GLU A 102 45.96 8.80 -2.14
N ASP A 103 44.93 9.20 -2.89
CA ASP A 103 43.57 8.71 -2.63
C ASP A 103 43.49 7.24 -3.06
N VAL A 104 44.29 6.86 -4.05
CA VAL A 104 44.33 5.48 -4.53
C VAL A 104 45.09 4.63 -3.51
N ALA A 105 46.24 5.11 -3.05
CA ALA A 105 47.03 4.37 -2.08
C ALA A 105 46.21 4.15 -0.82
N PHE A 106 45.46 5.16 -0.41
CA PHE A 106 44.63 5.09 0.79
C PHE A 106 43.57 4.00 0.63
N TYR A 107 42.87 4.00 -0.51
CA TYR A 107 41.85 2.99 -0.78
C TYR A 107 42.45 1.58 -0.63
N PHE A 108 43.62 1.36 -1.23
CA PHE A 108 44.26 0.07 -1.15
C PHE A 108 44.70 -0.32 0.27
N GLU A 109 45.18 0.64 1.05
CA GLU A 109 45.61 0.33 2.39
C GLU A 109 44.43 -0.17 3.23
N VAL A 110 43.27 0.46 3.09
CA VAL A 110 42.10 0.05 3.85
C VAL A 110 41.61 -1.33 3.38
N GLY A 111 41.56 -1.55 2.07
CA GLY A 111 41.12 -2.83 1.57
C GLY A 111 42.03 -3.97 1.94
N LYS A 112 43.33 -3.67 2.08
CA LYS A 112 44.34 -4.67 2.42
C LYS A 112 44.48 -4.93 3.91
N ALA A 113 43.83 -4.13 4.74
CA ALA A 113 43.92 -4.30 6.18
C ALA A 113 43.50 -5.71 6.59
N LYS A 114 44.31 -6.35 7.44
CA LYS A 114 43.99 -7.70 7.88
C LYS A 114 42.71 -7.69 8.70
N GLY A 115 41.78 -8.58 8.33
CA GLY A 115 40.53 -8.66 9.05
C GLY A 115 39.45 -7.71 8.57
N MET A 116 39.73 -6.92 7.53
CA MET A 116 38.73 -6.01 6.98
C MET A 116 37.63 -6.92 6.41
N PRO A 117 36.36 -6.69 6.78
CA PRO A 117 35.27 -7.53 6.27
C PRO A 117 34.89 -7.28 4.82
N VAL A 118 35.86 -7.45 3.91
CA VAL A 118 35.61 -7.22 2.49
C VAL A 118 34.68 -8.25 1.87
N LEU A 119 33.95 -7.80 0.85
CA LEU A 119 33.01 -8.64 0.12
C LEU A 119 33.72 -9.65 -0.77
N ASN A 120 34.87 -9.24 -1.31
CA ASN A 120 35.63 -10.12 -2.20
C ASN A 120 37.08 -10.24 -1.75
N PRO A 121 37.34 -11.16 -0.82
CA PRO A 121 38.69 -11.39 -0.31
C PRO A 121 39.67 -11.88 -1.38
N ASP A 122 39.15 -12.45 -2.46
CA ASP A 122 40.01 -12.93 -3.54
C ASP A 122 40.67 -11.73 -4.22
N PHE A 123 39.87 -10.73 -4.56
CA PHE A 123 40.38 -9.52 -5.21
C PHE A 123 41.49 -8.92 -4.35
N TRP A 124 41.21 -8.78 -3.07
CA TRP A 124 42.16 -8.17 -2.16
C TRP A 124 43.44 -8.96 -1.91
N GLU A 125 43.46 -10.21 -2.37
CA GLU A 125 44.66 -11.03 -2.21
C GLU A 125 45.56 -10.92 -3.44
N ARG A 126 44.94 -10.80 -4.62
CA ARG A 126 45.71 -10.77 -5.86
C ARG A 126 45.89 -9.41 -6.55
N VAL A 127 45.29 -8.35 -6.01
CA VAL A 127 45.43 -7.05 -6.64
C VAL A 127 46.27 -6.11 -5.80
N ASN A 128 47.16 -5.38 -6.47
CA ASN A 128 48.04 -4.42 -5.80
C ASN A 128 48.15 -3.17 -6.66
N VAL A 129 48.79 -2.15 -6.12
CA VAL A 129 48.95 -0.91 -6.86
C VAL A 129 50.38 -0.38 -6.76
N ARG A 130 50.83 0.26 -7.82
CA ARG A 130 52.16 0.86 -7.87
C ARG A 130 51.93 2.32 -8.25
N ILE A 131 52.49 3.23 -7.45
CA ILE A 131 52.31 4.66 -7.69
C ILE A 131 53.54 5.27 -8.39
N LYS A 132 53.33 5.89 -9.55
CA LYS A 132 54.42 6.52 -10.28
C LYS A 132 54.61 7.98 -9.88
N ASP A 133 53.52 8.72 -9.84
CA ASP A 133 53.53 10.13 -9.43
C ASP A 133 52.15 10.50 -8.92
N ALA A 134 51.90 11.79 -8.71
CA ALA A 134 50.61 12.23 -8.17
C ALA A 134 49.39 11.85 -9.00
N ARG A 135 49.57 11.58 -10.29
CA ARG A 135 48.42 11.25 -11.12
C ARG A 135 48.57 9.99 -11.98
N ASN A 136 49.67 9.27 -11.81
CA ASN A 136 49.90 8.05 -12.56
C ASN A 136 50.07 6.87 -11.64
N PHE A 137 49.27 5.82 -11.84
CA PHE A 137 49.39 4.61 -11.05
C PHE A 137 49.12 3.40 -11.92
N THR A 138 49.52 2.23 -11.41
CA THR A 138 49.34 0.99 -12.13
C THR A 138 48.70 -0.05 -11.23
N LEU A 139 47.62 -0.66 -11.73
CA LEU A 139 46.95 -1.71 -10.98
C LEU A 139 47.57 -3.02 -11.44
N ILE A 140 47.92 -3.88 -10.48
CA ILE A 140 48.57 -5.15 -10.79
C ILE A 140 47.71 -6.31 -10.32
N PHE A 141 47.31 -7.16 -11.26
CA PHE A 141 46.48 -8.33 -10.95
C PHE A 141 47.31 -9.59 -11.19
N GLU A 142 47.51 -10.38 -10.15
CA GLU A 142 48.28 -11.61 -10.29
C GLU A 142 47.83 -12.66 -9.29
N PRO A 143 47.25 -13.76 -9.76
CA PRO A 143 47.00 -14.05 -11.19
C PRO A 143 45.86 -13.19 -11.73
N ALA A 144 45.91 -12.89 -13.02
CA ALA A 144 44.87 -12.08 -13.65
C ALA A 144 43.66 -12.94 -14.01
N TYR A 145 42.48 -12.34 -13.89
CA TYR A 145 41.23 -13.01 -14.22
C TYR A 145 40.70 -12.39 -15.51
N TYR A 146 39.86 -13.13 -16.22
CA TYR A 146 39.33 -12.68 -17.50
C TYR A 146 38.57 -11.37 -17.49
N TYR A 147 38.04 -11.00 -16.32
CA TYR A 147 37.24 -9.78 -16.20
C TYR A 147 37.92 -8.57 -15.56
N ASP A 148 39.22 -8.66 -15.29
CA ASP A 148 39.91 -7.56 -14.63
C ASP A 148 39.90 -6.20 -15.34
N THR A 149 39.73 -6.20 -16.66
CA THR A 149 39.70 -4.93 -17.39
C THR A 149 38.30 -4.37 -17.52
N TYR A 150 37.31 -5.13 -17.05
CA TYR A 150 35.90 -4.71 -17.13
C TYR A 150 35.59 -3.55 -16.19
N GLY A 151 35.11 -2.45 -16.74
CA GLY A 151 34.76 -1.30 -15.92
C GLY A 151 33.43 -1.49 -15.21
N PRO A 152 33.07 -0.59 -14.28
CA PRO A 152 33.87 0.58 -13.89
C PRO A 152 35.06 0.26 -12.99
N ILE A 153 36.05 1.15 -13.03
CA ILE A 153 37.25 1.04 -12.21
C ILE A 153 37.21 2.24 -11.29
N ASN A 154 37.00 1.98 -10.01
CA ASN A 154 36.95 3.03 -9.00
C ASN A 154 37.71 2.49 -7.81
N THR A 155 38.98 2.87 -7.72
CA THR A 155 39.82 2.43 -6.62
C THR A 155 40.46 3.61 -5.90
N TYR A 156 39.64 4.43 -5.26
CA TYR A 156 40.16 5.57 -4.51
C TYR A 156 39.12 6.06 -3.52
N ALA A 157 39.59 6.78 -2.49
CA ALA A 157 38.74 7.33 -1.45
C ALA A 157 39.45 8.60 -0.99
N PRO A 158 38.71 9.55 -0.38
CA PRO A 158 39.34 10.80 0.07
C PRO A 158 40.25 10.72 1.29
N LYS A 159 41.55 10.57 1.02
CA LYS A 159 42.53 10.46 2.07
C LYS A 159 42.59 11.66 3.00
N HIS A 160 42.52 12.88 2.45
CA HIS A 160 42.61 14.06 3.29
C HIS A 160 41.46 14.16 4.28
N ILE A 161 40.37 13.46 3.99
CA ILE A 161 39.19 13.47 4.86
C ILE A 161 39.18 12.30 5.84
N MET A 162 39.42 11.10 5.34
CA MET A 162 39.36 9.89 6.15
C MET A 162 40.68 9.36 6.68
N GLY A 163 41.79 9.82 6.10
CA GLY A 163 43.11 9.37 6.49
C GLY A 163 43.49 9.53 7.95
N PRO A 164 43.30 10.72 8.53
CA PRO A 164 43.66 10.91 9.94
C PRO A 164 43.00 9.90 10.87
N GLU A 165 41.69 9.68 10.70
CA GLU A 165 41.00 8.72 11.54
C GLU A 165 41.50 7.31 11.26
N TRP A 166 41.76 7.01 9.99
CA TRP A 166 42.27 5.69 9.62
C TRP A 166 43.57 5.37 10.35
N GLU A 167 44.45 6.37 10.47
CA GLU A 167 45.72 6.16 11.16
C GLU A 167 45.46 5.76 12.61
N ARG A 168 44.46 6.38 13.22
CA ARG A 168 44.11 6.06 14.60
C ARG A 168 43.54 4.65 14.68
N VAL A 169 42.72 4.29 13.69
CA VAL A 169 42.12 2.97 13.64
C VAL A 169 43.20 1.90 13.48
N LYS A 170 44.16 2.16 12.59
CA LYS A 170 45.25 1.21 12.38
C LYS A 170 46.04 0.99 13.66
N ALA A 171 46.31 2.07 14.39
CA ALA A 171 47.06 1.98 15.64
C ALA A 171 46.32 1.09 16.62
N ALA A 172 44.99 1.25 16.68
CA ALA A 172 44.17 0.47 17.59
C ALA A 172 44.11 -0.99 17.15
N ALA A 173 44.12 -1.22 15.84
CA ALA A 173 44.04 -2.56 15.29
C ALA A 173 45.28 -3.41 15.60
N ARG A 174 46.41 -2.75 15.84
CA ARG A 174 47.65 -3.46 16.15
C ARG A 174 47.52 -4.29 17.42
N GLY A 175 46.61 -3.88 18.30
CA GLY A 175 46.42 -4.60 19.55
C GLY A 175 45.38 -5.69 19.49
N LEU A 176 44.93 -6.03 18.28
CA LEU A 176 43.92 -7.06 18.10
C LEU A 176 44.39 -8.17 17.15
N ASP A 177 44.12 -9.42 17.54
CA ASP A 177 44.48 -10.57 16.72
C ASP A 177 43.27 -10.95 15.87
N PRO A 178 43.41 -10.92 14.54
CA PRO A 178 42.30 -11.25 13.63
C PRO A 178 41.63 -12.58 13.94
N ASP A 179 42.32 -13.47 14.64
CA ASP A 179 41.76 -14.76 14.99
C ASP A 179 40.93 -14.71 16.28
N LYS A 180 41.62 -14.51 17.40
CA LYS A 180 40.97 -14.47 18.70
C LYS A 180 40.11 -13.23 18.97
N ASP A 181 40.44 -12.11 18.35
CA ASP A 181 39.70 -10.87 18.56
C ASP A 181 38.87 -10.45 17.35
N ALA A 182 38.39 -11.42 16.59
CA ALA A 182 37.61 -11.14 15.38
C ALA A 182 36.44 -10.20 15.60
N GLU A 183 35.66 -10.44 16.65
CA GLU A 183 34.50 -9.59 16.93
C GLU A 183 34.88 -8.13 17.16
N LYS A 184 35.89 -7.91 18.00
CA LYS A 184 36.35 -6.57 18.31
C LYS A 184 36.97 -5.89 17.09
N LEU A 185 37.70 -6.67 16.29
CA LEU A 185 38.34 -6.13 15.10
C LEU A 185 37.28 -5.69 14.08
N ASN A 186 36.24 -6.51 13.93
CA ASN A 186 35.16 -6.19 13.00
C ASN A 186 34.48 -4.88 13.45
N GLU A 187 34.25 -4.75 14.75
CA GLU A 187 33.62 -3.56 15.29
C GLU A 187 34.48 -2.32 15.03
N LEU A 188 35.78 -2.47 15.20
CA LEU A 188 36.71 -1.37 14.99
C LEU A 188 36.60 -0.83 13.57
N TYR A 189 36.63 -1.74 12.60
CA TYR A 189 36.55 -1.32 11.21
C TYR A 189 35.17 -0.79 10.82
N ARG A 190 34.11 -1.41 11.33
CA ARG A 190 32.77 -0.92 11.01
C ARG A 190 32.61 0.50 11.52
N ASN A 191 33.07 0.74 12.75
CA ASN A 191 32.95 2.07 13.35
C ASN A 191 33.72 3.12 12.57
N PHE A 192 34.81 2.72 11.93
CA PHE A 192 35.60 3.65 11.12
C PHE A 192 34.71 4.20 9.99
N PHE A 193 34.11 3.29 9.22
CA PHE A 193 33.25 3.73 8.12
C PHE A 193 32.02 4.48 8.62
N LEU A 194 31.43 4.03 9.72
CA LEU A 194 30.24 4.69 10.26
C LEU A 194 30.45 6.16 10.61
N LYS A 195 31.65 6.52 11.02
CA LYS A 195 31.93 7.92 11.35
C LYS A 195 31.75 8.82 10.13
N PHE A 196 31.81 8.23 8.94
CA PHE A 196 31.70 8.97 7.69
C PHE A 196 30.52 8.50 6.84
N ALA A 197 29.55 7.80 7.42
CA ALA A 197 28.47 7.27 6.58
C ALA A 197 27.05 7.31 7.11
N THR A 198 26.82 7.92 8.27
CA THR A 198 25.47 8.00 8.81
C THR A 198 24.85 9.34 8.42
N PRO A 199 23.52 9.45 8.49
CA PRO A 199 22.85 10.70 8.12
C PRO A 199 23.37 11.96 8.84
N GLN A 200 23.43 11.90 10.16
CA GLN A 200 23.88 13.07 10.92
C GLN A 200 25.31 13.47 10.59
N ALA A 201 26.19 12.47 10.44
CA ALA A 201 27.59 12.76 10.11
C ALA A 201 27.69 13.42 8.74
N LEU A 202 27.00 12.84 7.77
CA LEU A 202 27.03 13.37 6.41
C LEU A 202 26.40 14.75 6.31
N ASN A 203 25.32 14.98 7.04
CA ASN A 203 24.65 16.28 7.00
C ASN A 203 25.55 17.36 7.61
N ARG A 204 26.47 16.95 8.48
CA ARG A 204 27.40 17.88 9.12
C ARG A 204 28.68 18.01 8.30
N GLY A 205 28.69 17.45 7.10
CA GLY A 205 29.84 17.55 6.20
C GLY A 205 30.99 16.57 6.38
N ALA A 206 30.68 15.37 6.87
CA ALA A 206 31.73 14.37 7.10
C ALA A 206 32.46 13.90 5.85
N MET A 207 31.80 13.94 4.69
CA MET A 207 32.44 13.48 3.46
C MET A 207 32.51 14.54 2.36
N VAL A 208 33.32 14.23 1.35
CA VAL A 208 33.45 15.07 0.17
C VAL A 208 33.12 14.15 -1.00
N TYR A 209 32.82 14.74 -2.15
CA TYR A 209 32.34 13.99 -3.30
C TYR A 209 33.11 14.22 -4.60
N SER A 210 33.24 13.18 -5.40
CA SER A 210 33.99 13.26 -6.65
C SER A 210 33.12 13.18 -7.91
N GLY A 211 31.82 12.94 -7.73
CA GLY A 211 30.93 12.82 -8.87
C GLY A 211 30.33 14.13 -9.35
N PRO A 212 29.43 14.08 -10.34
CA PRO A 212 28.81 15.29 -10.87
C PRO A 212 27.92 16.02 -9.86
N PHE A 213 27.59 15.34 -8.77
CA PHE A 213 26.76 15.93 -7.71
C PHE A 213 27.41 15.69 -6.35
N LYS A 214 27.03 16.53 -5.38
CA LYS A 214 27.53 16.41 -4.02
C LYS A 214 26.31 16.40 -3.11
N LEU A 215 26.46 15.87 -1.91
CA LEU A 215 25.33 15.80 -1.00
C LEU A 215 24.91 17.16 -0.47
N LYS A 216 23.60 17.37 -0.39
CA LYS A 216 23.06 18.59 0.19
C LYS A 216 22.57 18.15 1.57
N ARG A 217 21.64 17.20 1.60
CA ARG A 217 21.13 16.68 2.87
C ARG A 217 20.47 15.32 2.72
N TRP A 218 20.54 14.53 3.79
CA TRP A 218 19.90 13.22 3.83
C TRP A 218 18.83 13.32 4.93
N VAL A 219 17.57 13.19 4.53
CA VAL A 219 16.45 13.20 5.47
C VAL A 219 16.15 11.70 5.57
N PRO A 220 16.76 11.04 6.56
CA PRO A 220 16.53 9.59 6.68
C PRO A 220 15.10 9.14 6.78
N GLY A 221 14.77 8.15 5.93
CA GLY A 221 13.43 7.62 5.88
C GLY A 221 12.59 8.36 4.85
N ASN A 222 13.13 9.44 4.30
CA ASN A 222 12.38 10.24 3.34
C ASN A 222 13.07 10.55 2.02
N SER A 223 14.28 11.10 2.08
CA SER A 223 14.95 11.49 0.84
C SER A 223 16.43 11.80 0.99
N ILE A 224 17.11 11.81 -0.16
CA ILE A 224 18.52 12.18 -0.24
C ILE A 224 18.56 13.26 -1.32
N GLU A 225 19.00 14.44 -0.93
CA GLU A 225 19.05 15.58 -1.84
C GLU A 225 20.50 15.89 -2.19
N MET A 226 20.76 16.04 -3.48
CA MET A 226 22.09 16.33 -3.99
C MET A 226 22.05 17.57 -4.88
N GLU A 227 23.18 18.25 -5.00
CA GLU A 227 23.26 19.43 -5.85
C GLU A 227 24.50 19.32 -6.72
N ARG A 228 24.51 20.06 -7.83
CA ARG A 228 25.63 19.99 -8.76
C ARG A 228 26.98 20.24 -8.08
N ASN A 229 27.97 19.43 -8.46
CA ASN A 229 29.33 19.57 -7.94
C ASN A 229 30.11 20.27 -9.06
N PRO A 230 30.35 21.59 -8.90
CA PRO A 230 31.09 22.35 -9.93
C PRO A 230 32.52 21.90 -10.17
N ASN A 231 33.07 21.12 -9.24
CA ASN A 231 34.43 20.63 -9.36
C ASN A 231 34.58 19.40 -10.26
N PHE A 232 33.46 18.78 -10.63
CA PHE A 232 33.48 17.61 -11.51
C PHE A 232 33.92 18.15 -12.87
N PRO A 233 34.99 17.59 -13.46
CA PRO A 233 35.53 18.02 -14.76
C PRO A 233 34.84 17.69 -16.07
N ILE A 234 34.02 16.65 -16.11
CA ILE A 234 33.36 16.30 -17.37
C ILE A 234 32.14 17.18 -17.58
N LYS A 235 32.22 18.05 -18.58
CA LYS A 235 31.12 18.96 -18.89
C LYS A 235 30.31 18.40 -20.05
N PRO A 236 28.97 18.33 -19.90
CA PRO A 236 28.08 17.82 -20.95
C PRO A 236 28.01 18.81 -22.11
N GLU A 237 27.63 18.30 -23.28
CA GLU A 237 27.53 19.14 -24.47
C GLU A 237 26.59 20.32 -24.27
N GLY A 238 27.10 21.53 -24.53
CA GLY A 238 26.30 22.72 -24.37
C GLY A 238 26.53 23.41 -23.05
N GLY A 239 27.23 22.74 -22.14
CA GLY A 239 27.49 23.33 -20.84
C GLY A 239 26.62 22.73 -19.75
N GLU A 240 27.19 22.57 -18.56
CA GLU A 240 26.47 21.99 -17.44
C GLU A 240 25.22 22.75 -17.01
N SER A 241 25.13 24.03 -17.32
CA SER A 241 23.97 24.83 -16.95
C SER A 241 22.67 24.35 -17.60
N LYS A 242 22.80 23.63 -18.71
CA LYS A 242 21.63 23.14 -19.43
C LYS A 242 21.12 21.81 -18.88
N TYR A 243 21.82 21.28 -17.89
CA TYR A 243 21.46 19.99 -17.30
C TYR A 243 20.99 20.15 -15.86
N VAL A 244 20.44 19.10 -15.26
CA VAL A 244 19.90 19.25 -13.91
C VAL A 244 20.91 19.69 -12.86
N GLN A 245 20.45 20.59 -11.99
CA GLN A 245 21.28 21.15 -10.94
C GLN A 245 21.02 20.56 -9.56
N LYS A 246 19.92 19.83 -9.45
CA LYS A 246 19.55 19.20 -8.19
C LYS A 246 18.95 17.83 -8.51
N VAL A 247 19.30 16.84 -7.70
CA VAL A 247 18.78 15.49 -7.86
C VAL A 247 18.29 15.06 -6.49
N VAL A 248 17.04 14.62 -6.42
CA VAL A 248 16.47 14.18 -5.16
C VAL A 248 15.90 12.78 -5.28
N TYR A 249 16.36 11.89 -4.41
CA TYR A 249 15.83 10.53 -4.36
C TYR A 249 14.76 10.55 -3.28
N ARG A 250 13.56 10.10 -3.63
CA ARG A 250 12.44 10.02 -2.70
C ARG A 250 12.21 8.54 -2.42
N PHE A 251 12.15 8.18 -1.13
CA PHE A 251 11.97 6.80 -0.73
C PHE A 251 10.58 6.49 -0.23
N ILE A 252 9.95 5.50 -0.86
CA ILE A 252 8.61 5.06 -0.48
C ILE A 252 8.71 3.53 -0.43
N GLN A 253 8.77 2.99 0.78
CA GLN A 253 8.96 1.57 1.01
C GLN A 253 7.92 0.61 0.45
N ASN A 254 6.64 0.99 0.54
CA ASN A 254 5.61 0.13 0.00
C ASN A 254 5.56 0.38 -1.50
N THR A 255 5.81 -0.66 -2.29
CA THR A 255 5.85 -0.49 -3.73
C THR A 255 4.54 -0.04 -4.36
N ASN A 256 3.39 -0.37 -3.75
CA ASN A 256 2.13 0.08 -4.29
C ASN A 256 2.02 1.59 -4.04
N SER A 257 2.44 2.04 -2.86
CA SER A 257 2.40 3.46 -2.56
C SER A 257 3.36 4.20 -3.51
N LEU A 258 4.48 3.58 -3.84
CA LEU A 258 5.42 4.21 -4.77
C LEU A 258 4.77 4.30 -6.14
N LEU A 259 4.07 3.23 -6.54
CA LEU A 259 3.38 3.21 -7.83
C LEU A 259 2.39 4.37 -7.90
N VAL A 260 1.63 4.58 -6.83
CA VAL A 260 0.65 5.67 -6.80
C VAL A 260 1.37 7.01 -6.97
N ALA A 261 2.49 7.19 -6.27
CA ALA A 261 3.23 8.45 -6.38
C ALA A 261 3.75 8.65 -7.80
N VAL A 262 4.24 7.58 -8.42
CA VAL A 262 4.76 7.68 -9.78
C VAL A 262 3.65 8.04 -10.76
N ILE A 263 2.48 7.43 -10.60
CA ILE A 263 1.35 7.75 -11.47
C ILE A 263 0.94 9.21 -11.31
N GLY A 264 1.04 9.70 -10.07
CA GLY A 264 0.67 11.09 -9.77
C GLY A 264 1.42 12.17 -10.51
N GLY A 265 2.63 11.89 -10.95
CA GLY A 265 3.38 12.87 -11.72
C GLY A 265 4.47 13.69 -11.06
N SER A 266 4.62 13.60 -9.74
CA SER A 266 5.65 14.39 -9.06
C SER A 266 7.06 13.78 -9.15
N ILE A 267 7.15 12.55 -9.64
CA ILE A 267 8.43 11.86 -9.77
C ILE A 267 8.85 11.84 -11.24
N ASP A 268 10.04 12.37 -11.52
CA ASP A 268 10.54 12.45 -12.89
C ASP A 268 11.00 11.13 -13.49
N ALA A 269 11.60 10.27 -12.67
CA ALA A 269 12.11 8.99 -13.15
C ALA A 269 12.19 8.01 -12.00
N THR A 270 12.20 6.72 -12.33
CA THR A 270 12.31 5.71 -11.29
C THR A 270 13.69 5.08 -11.27
N SER A 271 14.06 4.63 -10.08
CA SER A 271 15.33 3.98 -9.80
C SER A 271 15.29 2.53 -10.30
N SER A 272 16.46 1.88 -10.32
CA SER A 272 16.51 0.48 -10.68
C SER A 272 15.91 -0.31 -9.51
N VAL A 273 15.77 0.36 -8.36
CA VAL A 273 15.18 -0.26 -7.18
C VAL A 273 13.91 0.54 -6.86
N SER A 274 12.84 0.21 -7.56
CA SER A 274 11.58 0.92 -7.39
C SER A 274 10.37 0.02 -7.55
N LEU A 275 9.77 0.04 -8.73
CA LEU A 275 8.58 -0.76 -9.03
C LEU A 275 8.94 -2.14 -9.53
N THR A 276 8.05 -3.09 -9.33
CA THR A 276 8.30 -4.44 -9.80
C THR A 276 7.68 -4.60 -11.20
N PHE A 277 8.08 -5.65 -11.90
CA PHE A 277 7.64 -5.91 -13.27
C PHE A 277 6.13 -5.79 -13.48
N ASP A 278 5.36 -6.45 -12.63
CA ASP A 278 3.91 -6.43 -12.72
C ASP A 278 3.35 -5.01 -12.60
N GLN A 279 3.96 -4.20 -11.75
CA GLN A 279 3.47 -2.83 -11.58
C GLN A 279 3.73 -1.99 -12.82
N GLY A 280 4.85 -2.25 -13.49
CA GLY A 280 5.20 -1.51 -14.68
C GLY A 280 4.21 -1.71 -15.82
N ARG A 281 3.50 -2.82 -15.80
CA ARG A 281 2.52 -3.10 -16.85
C ARG A 281 1.09 -3.09 -16.33
N SER A 282 0.89 -2.56 -15.13
CA SER A 282 -0.45 -2.48 -14.55
C SER A 282 -1.25 -1.40 -15.27
N PRO A 283 -2.56 -1.62 -15.44
CA PRO A 283 -3.40 -0.63 -16.13
C PRO A 283 -3.44 0.76 -15.50
N GLN A 284 -3.40 0.83 -14.17
CA GLN A 284 -3.45 2.12 -13.50
C GLN A 284 -2.26 3.00 -13.87
N LEU A 285 -1.16 2.38 -14.29
CA LEU A 285 0.03 3.13 -14.69
C LEU A 285 0.02 3.33 -16.19
N VAL A 286 -0.15 2.25 -16.94
CA VAL A 286 -0.16 2.31 -18.40
C VAL A 286 -1.18 3.29 -18.95
N ARG A 287 -2.39 3.30 -18.39
CA ARG A 287 -3.42 4.20 -18.87
C ARG A 287 -3.21 5.66 -18.51
N ARG A 288 -2.25 5.92 -17.63
CA ARG A 288 -1.95 7.29 -17.22
C ARG A 288 -0.65 7.80 -17.86
N ALA A 289 -0.01 6.97 -18.67
CA ALA A 289 1.25 7.33 -19.31
C ALA A 289 1.16 8.28 -20.52
N PRO A 290 0.13 8.14 -21.37
CA PRO A 290 0.01 9.02 -22.54
C PRO A 290 0.30 10.49 -22.30
N GLY A 291 1.25 11.02 -23.07
CA GLY A 291 1.62 12.42 -22.98
C GLY A 291 2.32 12.83 -21.70
N ARG A 292 2.64 11.86 -20.86
CA ARG A 292 3.28 12.16 -19.58
C ARG A 292 4.57 11.40 -19.33
N PHE A 293 4.55 10.09 -19.51
CA PHE A 293 5.73 9.26 -19.26
C PHE A 293 5.89 8.13 -20.26
N ASP A 294 7.11 7.63 -20.36
CA ASP A 294 7.42 6.48 -21.19
C ASP A 294 7.77 5.38 -20.21
N ILE A 295 7.36 4.15 -20.52
CA ILE A 295 7.63 3.01 -19.67
C ILE A 295 8.51 2.04 -20.44
N TRP A 296 9.62 1.64 -19.83
CA TRP A 296 10.57 0.73 -20.45
C TRP A 296 10.87 -0.46 -19.55
N PHE A 297 11.23 -1.59 -20.16
CA PHE A 297 11.59 -2.78 -19.41
C PHE A 297 12.98 -3.17 -19.88
N VAL A 298 13.94 -3.16 -18.96
CA VAL A 298 15.32 -3.47 -19.31
C VAL A 298 15.83 -4.75 -18.69
N PRO A 299 16.15 -5.75 -19.53
CA PRO A 299 16.65 -7.02 -18.99
C PRO A 299 18.04 -6.81 -18.38
N GLY A 300 18.34 -7.57 -17.34
CA GLY A 300 19.63 -7.47 -16.70
C GLY A 300 19.95 -8.75 -15.97
N ALA A 301 21.08 -8.78 -15.28
CA ALA A 301 21.46 -9.96 -14.51
C ALA A 301 20.89 -9.75 -13.12
N ILE A 302 19.58 -9.96 -13.01
CA ILE A 302 18.84 -9.77 -11.77
C ILE A 302 18.20 -11.12 -11.45
N TRP A 303 18.73 -11.77 -10.43
CA TRP A 303 18.28 -13.11 -10.07
C TRP A 303 17.50 -13.21 -8.77
N GLU A 304 16.18 -13.33 -8.89
CA GLU A 304 15.31 -13.48 -7.72
C GLU A 304 15.51 -14.92 -7.25
N HIS A 305 15.78 -15.09 -5.96
CA HIS A 305 16.06 -16.41 -5.43
C HIS A 305 15.79 -16.46 -3.94
N ILE A 306 15.93 -17.65 -3.36
CA ILE A 306 15.75 -17.83 -1.93
C ILE A 306 16.99 -18.49 -1.37
N ASP A 307 17.72 -17.74 -0.55
CA ASP A 307 18.90 -18.31 0.09
C ASP A 307 18.43 -19.18 1.24
N ILE A 308 19.26 -20.16 1.58
CA ILE A 308 18.96 -21.13 2.62
C ILE A 308 20.14 -21.23 3.58
N ASN A 309 19.87 -21.06 4.87
CA ASN A 309 20.93 -21.16 5.87
C ASN A 309 21.31 -22.64 5.98
N LYS A 310 22.57 -22.96 5.67
CA LYS A 310 23.04 -24.33 5.74
C LYS A 310 24.13 -24.51 6.79
N PHE A 311 24.26 -23.55 7.69
CA PHE A 311 25.28 -23.61 8.73
C PHE A 311 24.86 -24.60 9.81
N GLU A 312 25.60 -25.70 9.90
CA GLU A 312 25.32 -26.76 10.86
C GLU A 312 25.47 -26.39 12.33
N ASN A 313 26.14 -25.26 12.61
CA ASN A 313 26.30 -24.83 14.00
C ASN A 313 25.01 -24.23 14.55
N CYS A 314 24.05 -23.97 13.66
CA CYS A 314 22.74 -23.44 14.08
C CYS A 314 21.86 -24.67 14.14
N GLN A 315 21.51 -25.09 15.35
CA GLN A 315 20.70 -26.30 15.50
C GLN A 315 19.40 -26.28 14.71
N VAL A 316 18.81 -25.11 14.53
CA VAL A 316 17.57 -25.01 13.77
C VAL A 316 17.78 -25.53 12.35
N VAL A 317 18.95 -25.22 11.80
CA VAL A 317 19.30 -25.67 10.45
C VAL A 317 19.36 -27.19 10.40
N LYS A 318 20.01 -27.80 11.40
CA LYS A 318 20.10 -29.26 11.45
C LYS A 318 18.75 -29.89 11.73
N ASP A 319 17.95 -29.25 12.60
CA ASP A 319 16.62 -29.75 12.93
C ASP A 319 15.77 -29.85 11.67
N LEU A 320 15.78 -28.79 10.87
CA LEU A 320 15.00 -28.76 9.63
C LEU A 320 15.67 -29.53 8.49
N GLY A 321 16.94 -29.86 8.68
CA GLY A 321 17.68 -30.59 7.67
C GLY A 321 18.00 -29.76 6.44
N LEU A 322 18.13 -28.45 6.62
CA LEU A 322 18.42 -27.56 5.50
C LEU A 322 19.78 -27.82 4.87
N ASN A 323 20.66 -28.51 5.60
CA ASN A 323 21.99 -28.84 5.11
C ASN A 323 21.99 -30.05 4.17
N ASP A 324 20.85 -30.72 4.05
CA ASP A 324 20.72 -31.89 3.19
C ASP A 324 20.08 -31.44 1.87
N LYS A 325 20.71 -31.75 0.74
CA LYS A 325 20.17 -31.32 -0.54
C LYS A 325 18.75 -31.84 -0.77
N ARG A 326 18.41 -32.99 -0.22
CA ARG A 326 17.07 -33.54 -0.40
C ARG A 326 16.00 -32.60 0.14
N THR A 327 16.31 -31.91 1.22
CA THR A 327 15.35 -30.97 1.82
C THR A 327 15.16 -29.77 0.90
N ARG A 328 16.25 -29.29 0.32
CA ARG A 328 16.19 -28.13 -0.57
C ARG A 328 15.47 -28.50 -1.87
N GLN A 329 15.70 -29.71 -2.36
CA GLN A 329 15.03 -30.17 -3.56
C GLN A 329 13.53 -30.31 -3.28
N ALA A 330 13.18 -30.82 -2.10
CA ALA A 330 11.78 -30.98 -1.72
C ALA A 330 11.08 -29.64 -1.72
N ILE A 331 11.70 -28.66 -1.07
CA ILE A 331 11.09 -27.33 -1.01
C ILE A 331 10.88 -26.77 -2.41
N LEU A 332 11.87 -26.89 -3.28
CA LEU A 332 11.73 -26.35 -4.63
C LEU A 332 10.59 -27.02 -5.40
N HIS A 333 10.44 -28.33 -5.22
CA HIS A 333 9.36 -29.05 -5.90
C HIS A 333 8.00 -28.57 -5.40
N ALA A 334 7.98 -27.95 -4.22
CA ALA A 334 6.74 -27.44 -3.65
C ALA A 334 6.47 -25.99 -3.99
N LEU A 335 7.40 -25.34 -4.69
CA LEU A 335 7.23 -23.96 -5.10
C LEU A 335 6.73 -23.96 -6.55
N ASN A 336 5.50 -23.51 -6.75
CA ASN A 336 4.94 -23.48 -8.10
C ASN A 336 5.44 -22.24 -8.82
N ARG A 337 6.71 -22.27 -9.19
CA ARG A 337 7.35 -21.15 -9.86
C ARG A 337 6.75 -20.84 -11.23
N GLU A 338 6.49 -21.88 -12.02
CA GLU A 338 5.92 -21.64 -13.34
C GLU A 338 4.53 -21.03 -13.19
N GLY A 339 3.75 -21.52 -12.23
CA GLY A 339 2.42 -20.97 -12.02
C GLY A 339 2.52 -19.52 -11.58
N LEU A 340 3.50 -19.22 -10.74
CA LEU A 340 3.72 -17.88 -10.24
C LEU A 340 4.08 -16.90 -11.35
N VAL A 341 5.09 -17.22 -12.15
CA VAL A 341 5.49 -16.28 -13.20
C VAL A 341 4.40 -16.10 -14.25
N LYS A 342 3.62 -17.14 -14.50
CA LYS A 342 2.53 -17.05 -15.47
C LYS A 342 1.47 -16.08 -14.95
N ALA A 343 1.00 -16.32 -13.73
CA ALA A 343 -0.04 -15.49 -13.13
C ALA A 343 0.41 -14.07 -12.82
N PHE A 344 1.61 -13.92 -12.28
CA PHE A 344 2.14 -12.63 -11.89
C PHE A 344 2.73 -11.78 -13.01
N PHE A 345 3.41 -12.42 -13.95
CA PHE A 345 4.10 -11.68 -15.02
C PHE A 345 3.78 -12.15 -16.44
N ASP A 346 2.76 -12.97 -16.60
CA ASP A 346 2.42 -13.52 -17.91
C ASP A 346 3.64 -14.23 -18.51
N GLY A 347 4.46 -14.79 -17.64
CA GLY A 347 5.65 -15.51 -18.06
C GLY A 347 6.79 -14.69 -18.62
N LEU A 348 6.64 -13.37 -18.64
CA LEU A 348 7.65 -12.49 -19.21
C LEU A 348 8.96 -12.43 -18.42
N GLN A 349 8.90 -12.82 -17.14
CA GLN A 349 10.10 -12.93 -16.31
C GLN A 349 10.08 -14.43 -16.09
N PRO A 350 10.97 -15.16 -16.80
CA PRO A 350 11.06 -16.62 -16.73
C PRO A 350 11.62 -17.26 -15.48
N VAL A 351 11.14 -18.46 -15.20
CA VAL A 351 11.62 -19.23 -14.08
C VAL A 351 13.12 -19.46 -14.31
N ALA A 352 13.89 -19.33 -13.24
CA ALA A 352 15.34 -19.52 -13.29
C ALA A 352 15.68 -20.87 -12.69
N HIS A 353 16.71 -21.52 -13.25
CA HIS A 353 17.15 -22.84 -12.78
C HIS A 353 18.62 -22.80 -12.40
N THR A 354 19.25 -21.66 -12.63
CA THR A 354 20.67 -21.44 -12.31
C THR A 354 20.80 -20.00 -11.79
N TRP A 355 21.99 -19.60 -11.34
CA TRP A 355 22.17 -18.25 -10.79
C TRP A 355 22.65 -17.21 -11.78
N ILE A 356 23.08 -17.65 -12.96
CA ILE A 356 23.58 -16.74 -14.00
C ILE A 356 22.46 -16.42 -14.99
N ALA A 357 22.13 -15.14 -15.13
CA ALA A 357 21.07 -14.71 -16.03
C ALA A 357 21.43 -14.88 -17.50
N PRO A 358 20.42 -15.11 -18.36
CA PRO A 358 20.62 -15.29 -19.81
C PRO A 358 21.40 -14.18 -20.51
N VAL A 359 21.33 -12.95 -19.99
CA VAL A 359 22.07 -11.85 -20.61
C VAL A 359 23.57 -12.11 -20.58
N ASN A 360 24.01 -12.99 -19.68
CA ASN A 360 25.43 -13.33 -19.60
C ASN A 360 25.61 -14.61 -20.41
N PRO A 361 26.54 -14.62 -21.40
CA PRO A 361 26.76 -15.81 -22.21
C PRO A 361 27.16 -17.08 -21.45
N LEU A 362 27.54 -16.93 -20.18
CA LEU A 362 27.91 -18.09 -19.38
C LEU A 362 26.67 -18.91 -18.94
N PHE A 363 25.50 -18.31 -19.08
CA PHE A 363 24.24 -18.96 -18.72
C PHE A 363 24.11 -20.36 -19.32
N ASN A 364 23.77 -21.34 -18.48
CA ASN A 364 23.59 -22.71 -18.96
C ASN A 364 22.11 -23.08 -18.92
N PRO A 365 21.48 -23.21 -20.09
CA PRO A 365 20.04 -23.55 -20.17
C PRO A 365 19.73 -25.03 -19.98
N ASN A 366 20.77 -25.85 -19.84
CA ASN A 366 20.60 -27.30 -19.73
C ASN A 366 20.66 -27.96 -18.36
N VAL A 367 20.76 -27.17 -17.29
CA VAL A 367 20.86 -27.77 -15.96
C VAL A 367 19.55 -28.44 -15.52
N LYS A 368 19.67 -29.30 -14.50
CA LYS A 368 18.53 -30.02 -13.95
C LYS A 368 17.43 -29.04 -13.51
N LYS A 369 16.19 -29.38 -13.84
CA LYS A 369 15.05 -28.54 -13.48
C LYS A 369 14.14 -29.25 -12.48
N TYR A 370 13.61 -28.49 -11.52
CA TYR A 370 12.72 -29.04 -10.50
C TYR A 370 11.31 -28.54 -10.71
N GLU A 371 10.49 -29.35 -11.38
CA GLU A 371 9.11 -28.97 -11.66
C GLU A 371 8.26 -28.99 -10.40
N PHE A 372 7.14 -28.29 -10.46
CA PHE A 372 6.22 -28.23 -9.34
C PHE A 372 5.56 -29.61 -9.21
N ASP A 373 5.81 -30.28 -8.09
CA ASP A 373 5.24 -31.61 -7.85
C ASP A 373 5.25 -31.89 -6.35
N LEU A 374 4.10 -31.70 -5.71
CA LEU A 374 3.99 -31.91 -4.28
C LEU A 374 4.24 -33.36 -3.89
N LYS A 375 3.93 -34.30 -4.78
CA LYS A 375 4.15 -35.71 -4.47
C LYS A 375 5.64 -35.99 -4.29
N LYS A 376 6.46 -35.43 -5.18
CA LYS A 376 7.90 -35.62 -5.10
C LYS A 376 8.44 -35.00 -3.82
N ALA A 377 7.92 -33.82 -3.48
CA ALA A 377 8.37 -33.13 -2.26
C ALA A 377 8.04 -33.99 -1.04
N GLU A 378 6.82 -34.51 -0.99
CA GLU A 378 6.38 -35.34 0.11
C GLU A 378 7.25 -36.59 0.29
N ALA A 379 7.59 -37.23 -0.83
CA ALA A 379 8.42 -38.44 -0.80
C ALA A 379 9.82 -38.14 -0.24
N LEU A 380 10.42 -37.04 -0.68
CA LEU A 380 11.74 -36.66 -0.22
C LEU A 380 11.75 -36.39 1.28
N LEU A 381 10.75 -35.66 1.76
CA LEU A 381 10.67 -35.35 3.18
C LEU A 381 10.39 -36.58 4.02
N ALA A 382 9.58 -37.49 3.50
CA ALA A 382 9.25 -38.72 4.23
C ALA A 382 10.52 -39.56 4.41
N GLU A 383 11.37 -39.58 3.39
CA GLU A 383 12.61 -40.34 3.43
C GLU A 383 13.51 -39.87 4.56
N MET A 384 13.32 -38.62 5.00
CA MET A 384 14.14 -38.08 6.08
C MET A 384 13.49 -38.12 7.45
N GLY A 385 12.46 -38.95 7.59
CA GLY A 385 11.79 -39.11 8.87
C GLY A 385 10.62 -38.23 9.23
N TRP A 386 10.28 -37.25 8.38
CA TRP A 386 9.17 -36.37 8.69
C TRP A 386 7.81 -37.04 8.57
N ARG A 387 6.92 -36.74 9.53
CA ARG A 387 5.56 -37.25 9.55
C ARG A 387 4.68 -36.13 10.06
N LYS A 388 3.51 -35.95 9.45
CA LYS A 388 2.61 -34.87 9.86
C LYS A 388 2.11 -34.94 11.29
N GLY A 389 2.19 -33.80 11.97
CA GLY A 389 1.68 -33.67 13.32
C GLY A 389 0.19 -33.40 13.18
N PRO A 390 -0.57 -33.37 14.28
CA PRO A 390 -2.02 -33.13 14.21
C PRO A 390 -2.49 -31.76 13.71
N ASP A 391 -1.54 -30.84 13.50
CA ASP A 391 -1.88 -29.53 12.97
C ASP A 391 -1.55 -29.53 11.48
N GLY A 392 -1.22 -30.70 10.97
CA GLY A 392 -0.89 -30.85 9.56
C GLY A 392 0.54 -30.49 9.19
N ILE A 393 1.34 -30.13 10.19
CA ILE A 393 2.73 -29.74 9.95
C ILE A 393 3.69 -30.86 10.31
N LEU A 394 4.67 -31.11 9.44
CA LEU A 394 5.64 -32.17 9.64
C LEU A 394 6.43 -32.07 10.94
N GLN A 395 6.70 -33.24 11.53
CA GLN A 395 7.46 -33.36 12.77
C GLN A 395 8.43 -34.53 12.65
N ARG A 396 9.50 -34.48 13.43
CA ARG A 396 10.47 -35.56 13.49
C ARG A 396 11.34 -35.33 14.72
N THR A 397 12.12 -36.34 15.09
CA THR A 397 12.98 -36.21 16.26
C THR A 397 14.43 -36.04 15.83
N VAL A 398 15.10 -35.06 16.44
CA VAL A 398 16.50 -34.79 16.15
C VAL A 398 17.21 -34.55 17.49
N ASN A 399 18.24 -35.35 17.75
CA ASN A 399 18.99 -35.24 19.00
C ASN A 399 18.05 -35.40 20.20
N GLY A 400 17.06 -36.27 20.05
CA GLY A 400 16.11 -36.53 21.12
C GLY A 400 15.05 -35.46 21.33
N ARG A 401 15.06 -34.44 20.47
CA ARG A 401 14.11 -33.34 20.57
C ARG A 401 13.08 -33.38 19.45
N THR A 402 11.83 -33.07 19.78
CA THR A 402 10.78 -33.07 18.77
C THR A 402 10.82 -31.74 18.02
N VAL A 403 11.04 -31.82 16.71
CA VAL A 403 11.11 -30.62 15.90
C VAL A 403 9.98 -30.58 14.88
N ARG A 404 9.50 -29.36 14.62
CA ARG A 404 8.42 -29.14 13.67
C ARG A 404 8.97 -28.38 12.47
N PHE A 405 8.44 -28.69 11.29
CA PHE A 405 8.91 -28.03 10.09
C PHE A 405 8.23 -26.67 9.87
N GLU A 406 8.62 -25.71 10.70
CA GLU A 406 8.15 -24.34 10.59
C GLU A 406 9.46 -23.63 10.24
N ILE A 407 9.50 -23.05 9.05
CA ILE A 407 10.71 -22.40 8.57
C ILE A 407 10.55 -20.89 8.44
N GLU A 408 11.57 -20.15 8.85
CA GLU A 408 11.54 -18.70 8.76
C GLU A 408 11.63 -18.32 7.28
N TYR A 409 10.88 -17.29 6.89
CA TYR A 409 10.88 -16.83 5.50
C TYR A 409 10.98 -15.30 5.56
N VAL A 410 12.18 -14.82 5.25
CA VAL A 410 12.49 -13.40 5.28
C VAL A 410 12.55 -12.76 3.91
N THR A 411 12.00 -11.56 3.80
CA THR A 411 12.13 -10.80 2.57
C THR A 411 11.96 -9.33 2.91
N THR A 412 12.06 -8.48 1.90
CA THR A 412 11.93 -7.04 2.07
C THR A 412 10.49 -6.60 2.27
N ALA A 413 10.18 -6.12 3.48
CA ALA A 413 8.84 -5.66 3.81
C ALA A 413 8.48 -4.50 2.88
N GLY A 414 7.23 -4.44 2.46
CA GLY A 414 6.78 -3.37 1.59
C GLY A 414 6.81 -3.71 0.11
N ASN A 415 7.63 -4.69 -0.27
CA ASN A 415 7.71 -5.08 -1.66
C ASN A 415 6.53 -6.01 -1.87
N VAL A 416 5.44 -5.45 -2.39
CA VAL A 416 4.20 -6.19 -2.55
C VAL A 416 4.27 -7.49 -3.34
N VAL A 417 4.98 -7.52 -4.46
CA VAL A 417 5.02 -8.76 -5.22
C VAL A 417 5.70 -9.87 -4.40
N ARG A 418 6.67 -9.52 -3.57
CA ARG A 418 7.33 -10.51 -2.72
C ARG A 418 6.41 -10.95 -1.58
N GLU A 419 5.63 -10.03 -1.04
CA GLU A 419 4.70 -10.38 0.02
C GLU A 419 3.65 -11.33 -0.56
N ARG A 420 3.24 -11.09 -1.80
CA ARG A 420 2.28 -11.95 -2.47
C ARG A 420 2.92 -13.32 -2.75
N THR A 421 4.20 -13.30 -3.12
CA THR A 421 4.94 -14.53 -3.40
C THR A 421 4.98 -15.43 -2.17
N GLN A 422 5.27 -14.84 -1.02
CA GLN A 422 5.35 -15.62 0.22
C GLN A 422 4.02 -16.33 0.47
N GLN A 423 2.91 -15.60 0.31
CA GLN A 423 1.57 -16.13 0.51
C GLN A 423 1.25 -17.24 -0.48
N PHE A 424 1.62 -17.01 -1.72
CA PHE A 424 1.37 -17.95 -2.80
C PHE A 424 2.08 -19.28 -2.51
N PHE A 425 3.37 -19.20 -2.22
CA PHE A 425 4.16 -20.40 -1.92
C PHE A 425 3.71 -21.07 -0.61
N ALA A 426 3.39 -20.25 0.39
CA ALA A 426 2.97 -20.78 1.69
C ALA A 426 1.75 -21.70 1.60
N GLU A 427 0.83 -21.37 0.70
CA GLU A 427 -0.38 -22.17 0.54
C GLU A 427 -0.04 -23.59 0.09
N ASP A 428 0.91 -23.73 -0.82
CA ASP A 428 1.31 -25.05 -1.30
C ASP A 428 2.21 -25.77 -0.30
N LEU A 429 3.11 -25.04 0.33
CA LEU A 429 4.00 -25.63 1.31
C LEU A 429 3.19 -26.24 2.45
N LYS A 430 2.11 -25.57 2.83
CA LYS A 430 1.27 -26.06 3.91
C LYS A 430 0.63 -27.41 3.56
N LYS A 431 0.30 -27.60 2.29
CA LYS A 431 -0.32 -28.85 1.85
C LYS A 431 0.57 -30.06 2.14
N ILE A 432 1.88 -29.88 2.10
CA ILE A 432 2.80 -30.98 2.38
C ILE A 432 3.37 -30.93 3.80
N GLY A 433 2.84 -30.04 4.63
CA GLY A 433 3.30 -29.98 6.00
C GLY A 433 4.42 -29.03 6.37
N ILE A 434 4.72 -28.08 5.50
CA ILE A 434 5.75 -27.11 5.84
C ILE A 434 5.06 -25.78 6.16
N ALA A 435 5.29 -25.30 7.38
CA ALA A 435 4.70 -24.05 7.83
C ALA A 435 5.74 -22.96 7.60
N VAL A 436 5.27 -21.77 7.25
CA VAL A 436 6.14 -20.64 7.00
C VAL A 436 5.94 -19.54 8.03
N LYS A 437 7.01 -19.09 8.64
CA LYS A 437 6.93 -18.00 9.61
C LYS A 437 7.52 -16.79 8.92
N ILE A 438 6.65 -15.87 8.53
CA ILE A 438 7.05 -14.65 7.84
C ILE A 438 7.80 -13.72 8.80
N ASN A 439 8.93 -13.21 8.35
CA ASN A 439 9.71 -12.29 9.16
C ASN A 439 10.39 -11.30 8.22
N ASN A 440 9.63 -10.28 7.83
CA ASN A 440 10.13 -9.28 6.90
C ASN A 440 10.55 -7.97 7.56
N ALA A 441 11.44 -7.25 6.89
CA ALA A 441 11.93 -5.98 7.39
C ALA A 441 12.40 -5.15 6.19
N PRO A 442 12.66 -3.86 6.38
CA PRO A 442 13.12 -3.01 5.27
C PRO A 442 14.48 -3.43 4.70
N SER A 443 14.70 -3.05 3.45
CA SER A 443 15.95 -3.30 2.76
C SER A 443 17.13 -2.79 3.60
N ALA A 444 16.97 -1.60 4.19
CA ALA A 444 18.02 -0.99 5.01
C ALA A 444 18.37 -1.84 6.23
N VAL A 445 17.48 -2.76 6.59
CA VAL A 445 17.70 -3.64 7.74
C VAL A 445 18.23 -5.01 7.30
N VAL A 446 17.51 -5.68 6.40
CA VAL A 446 17.92 -7.02 5.99
C VAL A 446 19.18 -7.10 5.16
N PHE A 447 19.55 -6.02 4.48
CA PHE A 447 20.74 -6.02 3.66
C PHE A 447 21.96 -5.41 4.35
N ALA A 448 21.81 -5.05 5.62
CA ALA A 448 22.93 -4.53 6.39
C ALA A 448 23.77 -5.75 6.77
N ASP A 449 25.09 -5.58 6.84
CA ASP A 449 25.99 -6.67 7.16
C ASP A 449 25.59 -7.51 8.36
N GLU A 450 25.19 -6.86 9.44
CA GLU A 450 24.83 -7.57 10.66
C GLU A 450 23.64 -8.50 10.54
N PHE A 451 22.96 -8.44 9.40
CA PHE A 451 21.85 -9.37 9.17
C PHE A 451 22.23 -10.35 8.06
N ILE A 452 22.30 -9.85 6.82
CA ILE A 452 22.58 -10.72 5.69
C ILE A 452 23.87 -11.53 5.78
N GLN A 453 24.93 -10.93 6.32
CA GLN A 453 26.22 -11.61 6.42
C GLN A 453 26.47 -12.27 7.78
N ARG A 454 25.40 -12.62 8.50
CA ARG A 454 25.53 -13.25 9.80
C ARG A 454 24.69 -14.51 9.99
N ALA A 455 24.44 -15.25 8.90
CA ALA A 455 23.69 -16.49 9.01
C ALA A 455 24.49 -17.50 9.85
N SER A 456 25.81 -17.38 9.83
CA SER A 456 26.66 -18.29 10.61
C SER A 456 26.46 -18.07 12.10
N GLU A 457 25.88 -16.94 12.45
CA GLU A 457 25.58 -16.60 13.85
C GLU A 457 24.09 -16.80 14.08
N CYS A 458 23.44 -17.43 13.11
CA CYS A 458 22.02 -17.75 13.14
C CYS A 458 21.08 -16.54 13.20
N LYS A 459 21.49 -15.42 12.58
CA LYS A 459 20.66 -14.22 12.57
C LYS A 459 19.38 -14.47 11.78
N TRP A 460 19.50 -15.18 10.67
CA TRP A 460 18.32 -15.60 9.90
C TRP A 460 18.56 -17.11 9.83
N THR A 461 17.50 -17.88 10.01
CA THR A 461 17.61 -19.34 10.12
C THR A 461 16.92 -20.24 9.12
N GLY A 462 16.39 -19.66 8.05
CA GLY A 462 15.71 -20.50 7.08
C GLY A 462 15.85 -20.00 5.67
N MET A 463 14.77 -19.44 5.15
CA MET A 463 14.70 -18.90 3.80
C MET A 463 14.81 -17.38 3.81
N PHE A 464 15.51 -16.83 2.82
CA PHE A 464 15.70 -15.40 2.70
C PHE A 464 15.59 -15.07 1.20
N GLU A 465 14.47 -14.46 0.81
CA GLU A 465 14.26 -14.13 -0.58
C GLU A 465 14.61 -12.69 -0.94
N PHE A 466 15.38 -12.56 -2.01
CA PHE A 466 15.76 -11.26 -2.55
C PHE A 466 16.39 -11.50 -3.90
N ALA A 467 16.95 -10.46 -4.51
CA ALA A 467 17.57 -10.62 -5.80
C ALA A 467 19.01 -10.11 -5.80
N TRP A 468 19.88 -10.84 -6.48
CA TRP A 468 21.26 -10.40 -6.64
C TRP A 468 21.32 -9.71 -8.00
N VAL A 469 21.92 -8.54 -8.04
CA VAL A 469 22.11 -7.80 -9.28
C VAL A 469 23.60 -7.97 -9.57
N SER A 470 23.91 -8.56 -10.71
CA SER A 470 25.31 -8.82 -11.05
C SER A 470 25.87 -8.00 -12.20
N ASN A 471 27.20 -7.87 -12.20
CA ASN A 471 27.89 -7.20 -13.29
C ASN A 471 28.53 -8.31 -14.12
N LEU A 472 29.36 -7.95 -15.08
CA LEU A 472 30.00 -8.96 -15.94
C LEU A 472 31.20 -9.66 -15.34
N GLN A 473 31.56 -9.32 -14.11
CA GLN A 473 32.69 -9.96 -13.45
C GLN A 473 32.21 -11.20 -12.72
N GLU A 474 31.66 -12.15 -13.48
CA GLU A 474 31.13 -13.38 -12.92
C GLU A 474 32.23 -14.39 -12.59
N ASP A 475 32.28 -14.81 -11.32
CA ASP A 475 33.28 -15.77 -10.87
C ASP A 475 32.67 -16.89 -10.03
N GLY A 476 31.35 -16.88 -9.90
CA GLY A 476 30.68 -17.90 -9.10
C GLY A 476 30.99 -17.77 -7.63
N SER A 477 31.61 -16.65 -7.22
CA SER A 477 31.97 -16.44 -5.83
C SER A 477 30.79 -16.45 -4.86
N LEU A 478 29.58 -16.21 -5.35
CA LEU A 478 28.41 -16.25 -4.48
C LEU A 478 28.25 -17.65 -3.89
N PHE A 479 28.82 -18.65 -4.56
CA PHE A 479 28.69 -20.03 -4.11
C PHE A 479 29.99 -20.78 -3.90
N GLN A 480 31.10 -20.07 -3.89
CA GLN A 480 32.38 -20.72 -3.64
C GLN A 480 32.64 -20.78 -2.14
N TYR A 481 33.26 -21.85 -1.68
CA TYR A 481 33.62 -21.93 -0.28
C TYR A 481 34.98 -21.23 -0.24
N LYS A 482 35.84 -21.57 -1.18
CA LYS A 482 37.17 -20.99 -1.26
C LYS A 482 37.63 -20.86 -2.71
N ASN A 483 38.29 -19.75 -3.03
CA ASN A 483 38.83 -19.57 -4.37
C ASN A 483 40.20 -20.23 -4.26
N LEU A 484 40.43 -21.25 -5.09
CA LEU A 484 41.68 -21.99 -5.05
C LEU A 484 42.93 -21.26 -5.55
N ASN A 485 42.74 -20.16 -6.26
CA ASN A 485 43.88 -19.40 -6.76
C ASN A 485 44.51 -18.53 -5.69
N THR A 486 43.68 -18.07 -4.75
CA THR A 486 44.15 -17.20 -3.69
C THR A 486 43.98 -17.78 -2.30
N GLY A 487 43.20 -18.85 -2.19
CA GLY A 487 42.95 -19.47 -0.91
C GLY A 487 41.96 -18.67 -0.07
N ALA A 488 41.35 -17.66 -0.68
CA ALA A 488 40.38 -16.82 0.03
C ALA A 488 39.05 -17.52 0.26
N ILE A 489 38.63 -17.58 1.52
CA ILE A 489 37.35 -18.20 1.88
C ILE A 489 36.26 -17.16 1.67
N MET A 490 35.20 -17.56 0.98
CA MET A 490 34.12 -16.65 0.63
C MET A 490 32.85 -16.75 1.49
N VAL A 491 32.88 -17.56 2.53
CA VAL A 491 31.73 -17.71 3.44
C VAL A 491 32.00 -16.82 4.65
N PRO A 492 31.16 -15.81 4.88
CA PRO A 492 31.39 -14.93 6.02
C PRO A 492 31.09 -15.54 7.39
N THR A 493 32.13 -15.65 8.21
CA THR A 493 32.01 -16.18 9.57
C THR A 493 33.05 -15.48 10.41
N LYS A 494 32.96 -15.66 11.72
CA LYS A 494 33.92 -15.06 12.63
C LYS A 494 35.33 -15.53 12.25
N GLU A 495 35.42 -16.79 11.81
CA GLU A 495 36.72 -17.38 11.46
C GLU A 495 37.44 -16.74 10.28
N ASN A 496 36.72 -16.12 9.34
CA ASN A 496 37.38 -15.47 8.22
C ASN A 496 37.15 -13.96 8.26
N ASN A 497 36.84 -13.45 9.45
CA ASN A 497 36.60 -12.03 9.66
C ASN A 497 35.42 -11.48 8.87
N TYR A 498 34.40 -12.34 8.72
CA TYR A 498 33.17 -11.97 8.04
C TYR A 498 33.33 -11.49 6.60
N GLN A 499 34.19 -12.18 5.85
CA GLN A 499 34.45 -11.82 4.46
C GLN A 499 33.66 -12.71 3.49
N GLY A 500 33.33 -12.16 2.33
CA GLY A 500 32.63 -12.95 1.33
C GLY A 500 31.13 -12.78 1.25
N GLN A 501 30.55 -13.37 0.20
CA GLN A 501 29.11 -13.29 -0.04
C GLN A 501 28.38 -14.63 -0.15
N ASN A 502 29.05 -15.72 0.20
CA ASN A 502 28.40 -17.04 0.20
C ASN A 502 27.68 -17.06 1.55
N ILE A 503 26.61 -16.27 1.62
CA ILE A 503 25.86 -16.07 2.86
C ILE A 503 25.14 -17.28 3.44
N GLY A 504 24.86 -18.27 2.60
CA GLY A 504 24.18 -19.47 3.03
C GLY A 504 25.10 -20.59 3.48
N GLY A 505 26.41 -20.38 3.34
CA GLY A 505 27.41 -21.36 3.78
C GLY A 505 27.56 -22.66 3.01
N TRP A 506 27.47 -22.60 1.69
CA TRP A 506 27.63 -23.80 0.87
C TRP A 506 29.08 -24.12 0.59
N ARG A 507 29.38 -25.41 0.50
CA ARG A 507 30.73 -25.86 0.16
C ARG A 507 30.68 -27.07 -0.74
N ASN A 508 31.28 -26.94 -1.92
CA ASN A 508 31.36 -28.03 -2.87
C ASN A 508 32.73 -27.85 -3.51
N ASP A 509 33.67 -28.73 -3.16
CA ASP A 509 35.03 -28.61 -3.66
C ASP A 509 35.17 -28.67 -5.17
N GLU A 510 34.33 -29.46 -5.83
CA GLU A 510 34.41 -29.56 -7.28
C GLU A 510 33.95 -28.23 -7.90
N PHE A 511 32.91 -27.64 -7.32
CA PHE A 511 32.41 -26.36 -7.80
C PHE A 511 33.52 -25.32 -7.66
N ASP A 512 34.21 -25.32 -6.51
CA ASP A 512 35.30 -24.38 -6.28
C ASP A 512 36.42 -24.56 -7.30
N ARG A 513 36.74 -25.81 -7.61
CA ARG A 513 37.81 -26.09 -8.57
C ARG A 513 37.46 -25.58 -9.96
N LEU A 514 36.25 -25.88 -10.40
CA LEU A 514 35.79 -25.46 -11.72
C LEU A 514 35.75 -23.95 -11.88
N THR A 515 35.14 -23.27 -10.93
CA THR A 515 35.03 -21.82 -11.00
C THR A 515 36.38 -21.11 -10.82
N SER A 516 37.25 -21.65 -9.97
CA SER A 516 38.56 -21.05 -9.77
C SER A 516 39.38 -21.14 -11.04
N GLN A 517 39.20 -22.23 -11.79
CA GLN A 517 39.94 -22.38 -13.04
C GLN A 517 39.31 -21.53 -14.13
N ALA A 518 37.97 -21.51 -14.16
CA ALA A 518 37.24 -20.77 -15.17
C ALA A 518 37.59 -19.29 -15.24
N VAL A 519 37.78 -18.65 -14.08
CA VAL A 519 38.09 -17.22 -14.09
C VAL A 519 39.47 -16.93 -14.65
N LEU A 520 40.32 -17.97 -14.73
CA LEU A 520 41.66 -17.84 -15.28
C LEU A 520 41.67 -18.16 -16.76
N GLU A 521 40.52 -18.61 -17.28
CA GLU A 521 40.42 -18.97 -18.69
C GLU A 521 40.08 -17.77 -19.56
N PHE A 522 41.05 -17.33 -20.35
CA PHE A 522 40.80 -16.19 -21.21
C PHE A 522 40.12 -16.55 -22.53
N ASP A 523 39.96 -17.84 -22.77
CA ASP A 523 39.26 -18.28 -23.97
C ASP A 523 37.78 -18.35 -23.59
N PRO A 524 36.93 -17.57 -24.27
CA PRO A 524 35.49 -17.56 -23.96
C PRO A 524 34.78 -18.91 -23.96
N GLU A 525 35.08 -19.76 -24.94
CA GLU A 525 34.42 -21.05 -25.02
C GLU A 525 34.82 -22.01 -23.90
N ARG A 526 36.11 -22.12 -23.62
CA ARG A 526 36.54 -23.02 -22.54
C ARG A 526 35.99 -22.51 -21.21
N ARG A 527 36.00 -21.20 -21.05
CA ARG A 527 35.49 -20.59 -19.83
C ARG A 527 34.01 -20.96 -19.65
N LYS A 528 33.25 -20.87 -20.74
CA LYS A 528 31.84 -21.22 -20.69
C LYS A 528 31.65 -22.70 -20.34
N GLN A 529 32.47 -23.56 -20.94
CA GLN A 529 32.37 -25.00 -20.66
C GLN A 529 32.52 -25.28 -19.16
N LEU A 530 33.51 -24.65 -18.54
CA LEU A 530 33.75 -24.84 -17.11
C LEU A 530 32.60 -24.31 -16.28
N PHE A 531 32.10 -23.12 -16.61
CA PHE A 531 30.98 -22.55 -15.88
C PHE A 531 29.71 -23.39 -16.07
N TRP A 532 29.57 -24.02 -17.23
CA TRP A 532 28.40 -24.86 -17.48
C TRP A 532 28.44 -26.08 -16.58
N ARG A 533 29.63 -26.66 -16.40
CA ARG A 533 29.77 -27.82 -15.55
C ARG A 533 29.50 -27.41 -14.10
N ALA A 534 29.96 -26.23 -13.72
CA ALA A 534 29.74 -25.73 -12.37
C ALA A 534 28.24 -25.55 -12.11
N GLN A 535 27.52 -25.05 -13.12
CA GLN A 535 26.09 -24.84 -12.97
C GLN A 535 25.33 -26.17 -12.85
N GLU A 536 25.83 -27.21 -13.52
CA GLU A 536 25.19 -28.53 -13.45
C GLU A 536 25.26 -29.03 -12.00
N ILE A 537 26.43 -28.90 -11.39
CA ILE A 537 26.61 -29.32 -10.00
C ILE A 537 25.74 -28.48 -9.08
N TRP A 538 25.74 -27.17 -9.31
CA TRP A 538 24.96 -26.23 -8.53
C TRP A 538 23.49 -26.62 -8.52
N ALA A 539 22.95 -26.96 -9.70
CA ALA A 539 21.55 -27.33 -9.82
C ALA A 539 21.20 -28.63 -9.08
N GLU A 540 22.15 -29.55 -9.02
CA GLU A 540 21.87 -30.80 -8.32
C GLU A 540 21.81 -30.57 -6.81
N GLU A 541 22.65 -29.67 -6.31
CA GLU A 541 22.73 -29.38 -4.88
C GLU A 541 21.80 -28.28 -4.36
N LEU A 542 21.36 -27.39 -5.23
CA LEU A 542 20.48 -26.28 -4.85
C LEU A 542 20.89 -25.55 -3.57
N PRO A 543 22.11 -24.97 -3.54
CA PRO A 543 22.53 -24.24 -2.33
C PRO A 543 21.59 -23.07 -2.05
N ALA A 544 20.92 -22.60 -3.10
CA ALA A 544 19.93 -21.54 -2.99
C ALA A 544 18.83 -21.97 -3.96
N LEU A 545 17.61 -21.48 -3.77
CA LEU A 545 16.52 -21.85 -4.65
C LEU A 545 16.31 -20.76 -5.69
N PRO A 546 16.53 -21.10 -6.97
CA PRO A 546 16.35 -20.09 -8.01
C PRO A 546 14.87 -19.86 -8.27
N LEU A 547 14.45 -18.61 -8.41
CA LEU A 547 13.04 -18.32 -8.67
C LEU A 547 12.82 -17.85 -10.11
N TYR A 548 13.26 -16.64 -10.43
CA TYR A 548 13.10 -16.11 -11.79
C TYR A 548 14.09 -15.00 -12.10
N PHE A 549 14.29 -14.75 -13.39
CA PHE A 549 15.19 -13.69 -13.85
C PHE A 549 14.33 -12.46 -14.13
N ARG A 550 14.78 -11.32 -13.64
CA ARG A 550 14.03 -10.08 -13.77
C ARG A 550 14.51 -9.06 -14.79
N ALA A 551 13.59 -8.17 -15.15
CA ALA A 551 13.85 -7.06 -16.06
C ALA A 551 13.33 -5.87 -15.25
N ASN A 552 14.10 -4.78 -15.23
CA ASN A 552 13.70 -3.60 -14.47
C ASN A 552 12.80 -2.67 -15.25
N PRO A 553 11.67 -2.27 -14.67
CA PRO A 553 10.79 -1.35 -15.38
C PRO A 553 11.22 0.08 -15.02
N TYR A 554 11.25 0.95 -16.02
CA TYR A 554 11.62 2.35 -15.79
C TYR A 554 10.50 3.25 -16.30
N VAL A 555 10.11 4.23 -15.48
CA VAL A 555 9.08 5.19 -15.85
C VAL A 555 9.83 6.51 -15.92
N VAL A 556 9.82 7.12 -17.09
CA VAL A 556 10.57 8.35 -17.32
C VAL A 556 9.72 9.47 -17.91
N ARG A 557 9.74 10.62 -17.26
CA ARG A 557 8.95 11.75 -17.74
C ARG A 557 9.41 12.21 -19.12
N LYS A 558 8.45 12.52 -19.97
CA LYS A 558 8.80 12.99 -21.30
C LYS A 558 9.58 14.28 -21.18
N GLY A 559 10.62 14.41 -22.01
CA GLY A 559 11.46 15.60 -21.95
C GLY A 559 12.79 15.35 -21.26
N LEU A 560 12.87 14.32 -20.42
CA LEU A 560 14.12 14.00 -19.73
C LEU A 560 14.97 13.12 -20.62
N VAL A 561 16.17 13.56 -20.94
CA VAL A 561 17.05 12.77 -21.79
C VAL A 561 18.32 12.28 -21.10
N ASN A 562 18.82 11.17 -21.65
CA ASN A 562 20.03 10.50 -21.20
C ASN A 562 19.91 9.71 -19.90
N TYR A 563 18.70 9.60 -19.38
CA TYR A 563 18.45 8.80 -18.17
C TYR A 563 18.14 7.44 -18.80
N VAL A 564 19.21 6.72 -19.14
CA VAL A 564 19.11 5.44 -19.83
C VAL A 564 19.89 4.34 -19.14
N ALA A 565 19.34 3.13 -19.16
CA ALA A 565 19.97 1.97 -18.56
C ALA A 565 20.02 0.83 -19.56
N SER A 566 20.92 -0.11 -19.33
CA SER A 566 21.06 -1.29 -20.18
C SER A 566 21.35 -2.44 -19.23
N ALA A 567 21.52 -3.63 -19.78
CA ALA A 567 21.79 -4.81 -18.96
C ALA A 567 22.95 -4.60 -17.99
N TYR A 568 24.01 -3.95 -18.46
CA TYR A 568 25.19 -3.74 -17.63
C TYR A 568 25.71 -2.30 -17.54
N SER A 569 24.87 -1.32 -17.88
CA SER A 569 25.32 0.07 -17.80
C SER A 569 25.75 0.38 -16.37
N GLY A 570 26.88 1.06 -16.22
CA GLY A 570 27.39 1.38 -14.91
C GLY A 570 27.87 0.11 -14.20
N GLY A 571 28.02 -0.96 -14.97
CA GLY A 571 28.47 -2.23 -14.43
C GLY A 571 27.33 -3.14 -14.02
N TYR A 572 26.42 -2.63 -13.19
CA TYR A 572 25.30 -3.41 -12.67
C TYR A 572 23.97 -3.25 -13.40
N GLY A 573 23.96 -2.46 -14.47
CA GLY A 573 22.73 -2.31 -15.22
C GLY A 573 21.70 -1.40 -14.61
N TYR A 574 22.08 -0.15 -14.40
CA TYR A 574 21.16 0.83 -13.87
C TYR A 574 21.46 2.18 -14.46
N PRO A 575 20.54 3.14 -14.26
CA PRO A 575 20.74 4.49 -14.79
C PRO A 575 21.67 5.27 -13.87
N GLY A 576 22.11 6.44 -14.33
CA GLY A 576 22.97 7.28 -13.52
C GLY A 576 24.46 7.13 -13.69
N TRP A 577 24.89 6.31 -14.64
CA TRP A 577 26.30 6.08 -14.92
C TRP A 577 26.90 7.22 -15.74
N ASN A 578 26.02 8.12 -16.20
CA ASN A 578 26.39 9.27 -17.02
C ASN A 578 25.62 10.46 -16.46
N ALA A 579 25.54 10.51 -15.13
CA ALA A 579 24.76 11.53 -14.43
C ALA A 579 25.00 12.99 -14.81
N TRP A 580 26.18 13.31 -15.31
CA TRP A 580 26.49 14.69 -15.69
C TRP A 580 25.79 15.17 -16.96
N GLU A 581 25.20 14.26 -17.73
CA GLU A 581 24.53 14.67 -18.96
C GLU A 581 23.03 14.43 -18.96
N ILE A 582 22.46 14.15 -17.79
CA ILE A 582 21.03 13.94 -17.68
C ILE A 582 20.38 15.31 -17.55
N GLY A 583 19.38 15.58 -18.39
CA GLY A 583 18.73 16.87 -18.32
C GLY A 583 17.46 16.97 -19.15
N TRP A 584 16.86 18.16 -19.09
CA TRP A 584 15.62 18.44 -19.79
C TRP A 584 15.90 19.06 -21.16
N GLU A 585 15.32 18.49 -22.20
CA GLU A 585 15.53 19.02 -23.55
C GLU A 585 15.13 20.48 -23.68
N SER A 586 14.08 20.90 -22.99
CA SER A 586 13.62 22.28 -23.07
C SER A 586 14.60 23.25 -22.43
N ARG A 587 15.58 22.71 -21.70
CA ARG A 587 16.62 23.50 -21.06
C ARG A 587 17.85 23.50 -21.98
N GLY A 588 17.79 22.72 -23.05
CA GLY A 588 18.90 22.65 -23.98
C GLY A 588 19.71 21.38 -23.86
N ALA A 589 19.33 20.49 -22.95
CA ALA A 589 20.05 19.23 -22.78
C ALA A 589 20.04 18.48 -24.11
N VAL A 590 21.22 17.99 -24.52
CA VAL A 590 21.36 17.29 -25.78
C VAL A 590 21.26 15.77 -25.63
N LYS A 591 20.27 15.18 -26.29
CA LYS A 591 20.07 13.74 -26.24
C LYS A 591 21.25 13.02 -26.88
N LYS A 592 21.83 12.08 -26.15
CA LYS A 592 22.98 11.32 -26.65
C LYS A 592 22.73 9.81 -26.61
N TRP A 593 21.72 9.40 -25.86
CA TRP A 593 21.37 7.98 -25.75
C TRP A 593 19.88 7.81 -25.91
N ASP A 594 19.47 6.64 -26.39
CA ASP A 594 18.04 6.35 -26.54
C ASP A 594 17.79 5.00 -25.90
N GLN A 595 16.81 4.95 -25.02
CA GLN A 595 16.47 3.74 -24.28
C GLN A 595 15.98 2.55 -25.10
N ALA A 596 15.28 2.82 -26.20
CA ALA A 596 14.71 1.75 -27.03
C ALA A 596 15.60 0.55 -27.34
N LYS A 597 16.77 0.80 -27.89
CA LYS A 597 17.68 -0.29 -28.28
C LYS A 597 18.19 -1.18 -27.15
N TYR A 598 18.07 -0.73 -25.90
CA TYR A 598 18.54 -1.52 -24.77
C TYR A 598 17.40 -2.16 -24.00
N ALA A 599 16.17 -1.82 -24.37
CA ALA A 599 14.99 -2.35 -23.67
C ALA A 599 14.24 -3.39 -24.48
N LEU A 600 13.35 -4.10 -23.81
CA LEU A 600 12.53 -5.12 -24.47
C LEU A 600 11.63 -4.42 -25.47
N SER A 601 11.25 -5.15 -26.52
CA SER A 601 10.39 -4.60 -27.57
C SER A 601 9.19 -3.85 -26.99
N THR A 602 8.76 -2.82 -27.71
CA THR A 602 7.63 -1.97 -27.32
C THR A 602 7.82 -1.35 -25.94
N MET B 1 -8.80 -22.29 8.54
CA MET B 1 -9.53 -21.01 8.31
C MET B 1 -10.97 -21.09 8.79
N GLY B 2 -11.82 -20.22 8.26
CA GLY B 2 -13.22 -20.19 8.66
C GLY B 2 -13.92 -21.55 8.69
N PRO B 3 -13.87 -22.32 7.60
CA PRO B 3 -14.54 -23.63 7.56
C PRO B 3 -14.08 -24.58 8.67
N GLN B 4 -12.79 -24.57 8.95
CA GLN B 4 -12.20 -25.43 9.97
C GLN B 4 -12.62 -25.09 11.40
N ASP B 5 -12.73 -23.81 11.69
CA ASP B 5 -13.10 -23.34 13.03
C ASP B 5 -14.58 -22.98 13.13
N ASN B 6 -15.29 -23.14 12.03
CA ASN B 6 -16.71 -22.79 11.95
C ASN B 6 -16.86 -21.33 12.34
N SER B 7 -16.03 -20.49 11.73
CA SER B 7 -16.03 -19.06 11.98
C SER B 7 -16.16 -18.32 10.66
N LEU B 8 -16.30 -17.00 10.77
CA LEU B 8 -16.44 -16.14 9.61
C LEU B 8 -15.56 -14.91 9.79
N VAL B 9 -14.47 -14.85 9.04
CA VAL B 9 -13.55 -13.72 9.11
C VAL B 9 -13.87 -12.79 7.96
N ILE B 10 -14.25 -11.56 8.29
CA ILE B 10 -14.64 -10.55 7.31
C ILE B 10 -13.60 -9.43 7.24
N GLY B 11 -13.13 -9.15 6.02
CA GLY B 11 -12.15 -8.09 5.83
C GLY B 11 -12.79 -6.76 5.51
N ALA B 12 -12.34 -5.71 6.18
CA ALA B 12 -12.86 -4.36 5.97
C ALA B 12 -11.70 -3.36 5.92
N SER B 13 -11.89 -2.26 5.19
CA SER B 13 -10.85 -1.24 5.04
C SER B 13 -11.09 0.01 5.89
N GLN B 14 -12.12 -0.04 6.74
CA GLN B 14 -12.44 1.07 7.64
C GLN B 14 -12.86 0.49 8.97
N GLU B 15 -12.63 1.24 10.04
CA GLU B 15 -12.97 0.79 11.39
C GLU B 15 -13.94 1.74 12.06
N PRO B 16 -14.89 1.21 12.84
CA PRO B 16 -15.85 2.08 13.52
C PRO B 16 -15.17 3.01 14.52
N ARG B 17 -15.66 4.25 14.59
CA ARG B 17 -15.13 5.24 15.52
C ARG B 17 -15.59 4.85 16.93
N VAL B 18 -16.80 4.33 17.00
CA VAL B 18 -17.44 3.86 18.24
C VAL B 18 -18.38 2.75 17.81
N LEU B 19 -18.91 2.01 18.77
CA LEU B 19 -19.79 0.91 18.45
C LEU B 19 -20.79 0.60 19.56
N ALA B 20 -21.94 0.05 19.18
CA ALA B 20 -23.00 -0.38 20.08
C ALA B 20 -23.78 0.66 20.88
N GLY B 21 -23.08 1.43 21.72
CA GLY B 21 -23.75 2.41 22.55
C GLY B 21 -24.24 3.68 21.87
N ASP B 22 -23.67 3.98 20.71
CA ASP B 22 -24.04 5.17 19.93
C ASP B 22 -25.25 4.79 19.07
N PHE B 23 -26.34 4.40 19.75
CA PHE B 23 -27.52 3.93 19.05
C PHE B 23 -28.33 4.90 18.20
N LEU B 24 -28.08 6.20 18.33
CA LEU B 24 -28.77 7.17 17.49
C LEU B 24 -27.80 7.60 16.38
N ARG B 25 -26.60 7.02 16.40
CA ARG B 25 -25.58 7.28 15.40
C ARG B 25 -25.16 8.75 15.33
N VAL B 26 -25.22 9.45 16.46
CA VAL B 26 -24.86 10.86 16.46
C VAL B 26 -23.34 11.08 16.44
N ILE B 27 -22.57 10.13 16.98
CA ILE B 27 -21.12 10.25 16.97
C ILE B 27 -20.60 9.71 15.63
N SER B 28 -21.13 8.56 15.21
CA SER B 28 -20.73 7.98 13.94
C SER B 28 -21.89 7.30 13.23
N ASN B 29 -22.01 7.59 11.94
CA ASN B 29 -23.03 6.99 11.11
C ASN B 29 -22.31 6.23 9.98
N GLN B 30 -21.08 5.81 10.26
CA GLN B 30 -20.29 5.08 9.29
C GLN B 30 -21.00 3.83 8.80
N ALA B 31 -20.89 3.56 7.52
CA ALA B 31 -21.49 2.36 6.94
C ALA B 31 -20.87 1.12 7.59
N ILE B 32 -19.57 1.14 7.86
CA ILE B 32 -18.94 -0.04 8.45
C ILE B 32 -19.51 -0.31 9.85
N LYS B 33 -19.80 0.75 10.60
CA LYS B 33 -20.37 0.62 11.93
C LYS B 33 -21.76 -0.01 11.83
N SER B 34 -22.57 0.47 10.90
CA SER B 34 -23.92 -0.04 10.72
C SER B 34 -23.90 -1.51 10.29
N GLU B 35 -22.99 -1.87 9.38
CA GLU B 35 -22.92 -3.24 8.93
C GLU B 35 -22.57 -4.19 10.06
N ILE B 36 -21.54 -3.83 10.84
CA ILE B 36 -21.12 -4.66 11.96
C ILE B 36 -22.24 -4.78 12.99
N GLU B 37 -22.96 -3.70 13.23
CA GLU B 37 -24.03 -3.74 14.21
C GLU B 37 -25.21 -4.64 13.86
N GLN B 38 -25.32 -5.05 12.60
CA GLN B 38 -26.40 -5.95 12.23
C GLN B 38 -26.19 -7.27 12.97
N TYR B 39 -24.92 -7.65 13.11
CA TYR B 39 -24.58 -8.88 13.80
C TYR B 39 -24.86 -8.80 15.30
N LEU B 40 -24.74 -7.59 15.84
CA LEU B 40 -24.90 -7.35 17.27
C LEU B 40 -26.27 -6.89 17.77
N PHE B 41 -27.04 -6.27 16.88
CA PHE B 41 -28.36 -5.77 17.24
C PHE B 41 -29.36 -6.08 16.14
N ALA B 42 -30.43 -6.78 16.51
CA ALA B 42 -31.45 -7.15 15.55
C ALA B 42 -32.64 -6.21 15.56
N PRO B 43 -33.22 -5.95 14.38
CA PRO B 43 -34.37 -5.05 14.30
C PRO B 43 -35.68 -5.78 14.63
N PHE B 44 -36.76 -5.02 14.79
CA PHE B 44 -38.04 -5.63 15.03
C PHE B 44 -38.50 -6.15 13.67
N ILE B 45 -38.32 -5.30 12.65
CA ILE B 45 -38.67 -5.63 11.28
C ILE B 45 -37.40 -5.46 10.44
N GLY B 46 -37.05 -6.50 9.69
CA GLY B 46 -35.87 -6.43 8.84
C GLY B 46 -36.27 -6.18 7.40
N PHE B 47 -35.28 -6.04 6.52
CA PHE B 47 -35.53 -5.81 5.10
C PHE B 47 -34.59 -6.78 4.38
N ASN B 48 -35.16 -7.77 3.69
CA ASN B 48 -34.34 -8.77 3.02
C ASN B 48 -33.80 -8.41 1.64
N ALA B 49 -33.08 -9.36 1.04
CA ALA B 49 -32.46 -9.17 -0.26
C ALA B 49 -33.47 -8.99 -1.37
N ASP B 50 -34.70 -9.44 -1.16
CA ASP B 50 -35.75 -9.29 -2.17
C ASP B 50 -36.50 -7.98 -1.94
N SER B 51 -35.93 -7.12 -1.10
CA SER B 51 -36.53 -5.83 -0.80
C SER B 51 -37.91 -5.93 -0.18
N GLN B 52 -38.07 -6.84 0.77
CA GLN B 52 -39.34 -7.05 1.45
C GLN B 52 -39.14 -6.97 2.96
N ASN B 53 -40.11 -6.39 3.65
CA ASN B 53 -40.04 -6.33 5.11
C ASN B 53 -40.27 -7.76 5.59
N PHE B 54 -39.62 -8.14 6.69
CA PHE B 54 -39.83 -9.46 7.26
C PHE B 54 -39.62 -9.34 8.75
N PRO B 55 -40.31 -10.20 9.53
CA PRO B 55 -40.16 -10.12 10.99
C PRO B 55 -38.86 -10.72 11.52
N VAL B 56 -38.27 -10.03 12.49
CA VAL B 56 -37.06 -10.50 13.13
C VAL B 56 -37.40 -10.61 14.62
N LEU B 57 -37.29 -9.51 15.37
CA LEU B 57 -37.63 -9.58 16.79
C LEU B 57 -39.12 -9.30 17.04
N ALA B 58 -39.84 -8.87 16.01
CA ALA B 58 -41.27 -8.61 16.11
C ALA B 58 -41.98 -9.89 15.67
N THR B 59 -43.24 -10.04 16.06
CA THR B 59 -44.00 -11.25 15.71
C THR B 59 -44.44 -11.30 14.25
N GLU B 60 -44.71 -10.14 13.66
CA GLU B 60 -45.15 -10.10 12.28
C GLU B 60 -45.09 -8.68 11.72
N VAL B 61 -44.96 -8.57 10.40
CA VAL B 61 -44.89 -7.28 9.73
C VAL B 61 -46.27 -6.63 9.76
N PRO B 62 -46.35 -5.36 10.17
CA PRO B 62 -47.64 -4.66 10.21
C PRO B 62 -48.16 -4.35 8.81
N THR B 63 -49.45 -4.58 8.59
CA THR B 63 -50.06 -4.30 7.29
C THR B 63 -51.48 -3.83 7.51
N LEU B 64 -52.09 -3.29 6.46
CA LEU B 64 -53.48 -2.84 6.56
C LEU B 64 -54.34 -4.08 6.76
N GLU B 65 -53.97 -5.14 6.07
CA GLU B 65 -54.69 -6.42 6.12
C GLU B 65 -54.79 -7.03 7.51
N ASN B 66 -53.69 -7.06 8.26
CA ASN B 66 -53.74 -7.63 9.60
C ASN B 66 -54.14 -6.59 10.64
N GLY B 67 -54.53 -5.41 10.18
CA GLY B 67 -54.96 -4.34 11.07
C GLY B 67 -53.92 -3.59 11.88
N ARG B 68 -52.64 -3.94 11.70
CA ARG B 68 -51.58 -3.27 12.45
C ARG B 68 -51.25 -1.88 11.91
N LEU B 69 -51.73 -1.58 10.72
CA LEU B 69 -51.51 -0.26 10.12
C LEU B 69 -52.84 0.45 10.03
N ARG B 70 -52.87 1.69 10.49
CA ARG B 70 -54.08 2.51 10.45
C ARG B 70 -53.70 3.85 9.88
N VAL B 71 -54.32 4.23 8.78
CA VAL B 71 -54.05 5.50 8.14
C VAL B 71 -55.29 6.37 8.17
N THR B 72 -55.13 7.60 8.63
CA THR B 72 -56.25 8.54 8.71
C THR B 72 -55.86 9.87 8.08
N ASP B 73 -56.82 10.52 7.44
CA ASP B 73 -56.58 11.80 6.81
C ASP B 73 -56.66 12.93 7.83
N ILE B 74 -55.71 13.86 7.78
CA ILE B 74 -55.69 14.97 8.72
C ILE B 74 -55.71 16.31 8.00
N GLY B 75 -56.13 16.30 6.74
CA GLY B 75 -56.21 17.53 5.96
C GLY B 75 -54.98 17.92 5.18
N GLY B 76 -55.19 18.78 4.17
CA GLY B 76 -54.10 19.24 3.34
C GLY B 76 -53.36 18.12 2.63
N GLY B 77 -54.04 17.00 2.43
CA GLY B 77 -53.42 15.86 1.77
C GLY B 77 -52.48 15.09 2.69
N LYS B 78 -52.37 15.53 3.93
CA LYS B 78 -51.50 14.87 4.89
C LYS B 78 -52.22 13.73 5.62
N LYS B 79 -51.43 12.82 6.18
CA LYS B 79 -51.99 11.67 6.86
C LYS B 79 -51.30 11.35 8.18
N ARG B 80 -52.00 10.59 9.01
CA ARG B 80 -51.49 10.13 10.29
C ARG B 80 -51.39 8.62 10.12
N LEU B 81 -50.24 8.05 10.45
CA LEU B 81 -50.05 6.61 10.34
C LEU B 81 -49.74 6.02 11.70
N GLU B 82 -50.47 4.99 12.08
CA GLU B 82 -50.22 4.29 13.33
C GLU B 82 -49.81 2.88 12.93
N MET B 83 -48.73 2.40 13.56
CA MET B 83 -48.17 1.08 13.26
C MET B 83 -48.00 0.26 14.52
N ASP B 84 -48.81 -0.78 14.68
CA ASP B 84 -48.74 -1.65 15.86
C ASP B 84 -47.69 -2.74 15.70
N ILE B 85 -46.78 -2.79 16.67
CA ILE B 85 -45.71 -3.80 16.66
C ILE B 85 -45.75 -4.62 17.95
N THR B 86 -45.56 -5.93 17.81
CA THR B 86 -45.55 -6.82 18.97
C THR B 86 -44.19 -7.50 19.05
N ILE B 87 -43.53 -7.33 20.18
CA ILE B 87 -42.22 -7.93 20.41
C ILE B 87 -42.39 -9.41 20.72
N ARG B 88 -41.56 -10.26 20.10
CA ARG B 88 -41.65 -11.69 20.36
C ARG B 88 -41.46 -11.95 21.84
N PRO B 89 -42.21 -12.92 22.39
CA PRO B 89 -42.11 -13.24 23.82
C PRO B 89 -40.73 -13.78 24.22
N ASP B 90 -39.98 -14.29 23.24
CA ASP B 90 -38.66 -14.84 23.52
C ASP B 90 -37.51 -13.93 23.12
N ALA B 91 -37.80 -12.66 22.82
CA ALA B 91 -36.76 -11.71 22.45
C ALA B 91 -36.02 -11.33 23.73
N LYS B 92 -34.70 -11.54 23.74
CA LYS B 92 -33.91 -11.24 24.92
C LYS B 92 -32.57 -10.60 24.61
N TRP B 93 -32.04 -9.88 25.59
CA TRP B 93 -30.72 -9.26 25.47
C TRP B 93 -29.75 -10.39 25.77
N SER B 94 -28.48 -10.19 25.44
CA SER B 94 -27.47 -11.22 25.64
C SER B 94 -27.23 -11.63 27.09
N ASP B 95 -27.69 -10.83 28.04
CA ASP B 95 -27.52 -11.15 29.45
C ASP B 95 -28.74 -11.92 29.98
N GLY B 96 -29.69 -12.20 29.10
CA GLY B 96 -30.87 -12.95 29.49
C GLY B 96 -32.10 -12.12 29.79
N ARG B 97 -31.93 -10.81 29.93
CA ARG B 97 -33.05 -9.93 30.23
C ARG B 97 -33.96 -9.79 29.01
N PRO B 98 -35.29 -9.83 29.22
CA PRO B 98 -36.19 -9.71 28.08
C PRO B 98 -36.15 -8.33 27.43
N ILE B 99 -36.39 -8.29 26.13
CA ILE B 99 -36.45 -7.03 25.40
C ILE B 99 -37.92 -6.64 25.49
N THR B 100 -38.19 -5.46 26.02
CA THR B 100 -39.57 -5.01 26.21
C THR B 100 -39.78 -3.58 25.74
N THR B 101 -41.00 -3.09 25.85
CA THR B 101 -41.33 -1.74 25.45
C THR B 101 -40.63 -0.70 26.32
N GLU B 102 -40.03 -1.12 27.43
CA GLU B 102 -39.31 -0.19 28.27
C GLU B 102 -38.08 0.25 27.46
N ASP B 103 -37.58 -0.65 26.63
CA ASP B 103 -36.43 -0.37 25.79
C ASP B 103 -36.82 0.54 24.63
N VAL B 104 -38.07 0.44 24.20
CA VAL B 104 -38.58 1.28 23.12
C VAL B 104 -38.81 2.69 23.68
N ALA B 105 -39.42 2.76 24.86
CA ALA B 105 -39.69 4.04 25.50
C ALA B 105 -38.37 4.78 25.74
N PHE B 106 -37.36 4.03 26.18
CA PHE B 106 -36.04 4.60 26.43
C PHE B 106 -35.44 5.18 25.15
N TYR B 107 -35.48 4.41 24.08
CA TYR B 107 -34.95 4.87 22.79
C TYR B 107 -35.60 6.20 22.39
N PHE B 108 -36.92 6.27 22.51
CA PHE B 108 -37.63 7.48 22.15
C PHE B 108 -37.34 8.67 23.07
N GLU B 109 -37.15 8.41 24.35
CA GLU B 109 -36.86 9.51 25.26
C GLU B 109 -35.52 10.16 24.90
N VAL B 110 -34.53 9.33 24.56
CA VAL B 110 -33.23 9.86 24.20
C VAL B 110 -33.30 10.63 22.88
N GLY B 111 -33.99 10.06 21.89
CA GLY B 111 -34.12 10.74 20.60
C GLY B 111 -34.88 12.05 20.69
N LYS B 112 -35.82 12.14 21.64
CA LYS B 112 -36.65 13.33 21.83
C LYS B 112 -36.02 14.39 22.74
N ALA B 113 -34.90 14.06 23.37
CA ALA B 113 -34.25 14.98 24.29
C ALA B 113 -33.89 16.31 23.63
N LYS B 114 -34.12 17.40 24.35
CA LYS B 114 -33.81 18.73 23.83
C LYS B 114 -32.35 18.83 23.43
N GLY B 115 -32.10 19.28 22.21
CA GLY B 115 -30.72 19.43 21.75
C GLY B 115 -29.94 18.17 21.41
N MET B 116 -30.60 17.03 21.34
CA MET B 116 -29.90 15.79 20.97
C MET B 116 -29.43 15.99 19.53
N PRO B 117 -28.13 15.77 19.25
CA PRO B 117 -27.62 15.96 17.88
C PRO B 117 -28.02 14.87 16.89
N VAL B 118 -29.32 14.67 16.71
CA VAL B 118 -29.82 13.65 15.81
C VAL B 118 -29.53 13.96 14.34
N LEU B 119 -29.38 12.88 13.57
CA LEU B 119 -29.11 12.96 12.13
C LEU B 119 -30.33 13.43 11.36
N ASN B 120 -31.50 13.05 11.84
CA ASN B 120 -32.76 13.40 11.18
C ASN B 120 -33.73 14.06 12.14
N PRO B 121 -33.60 15.39 12.32
CA PRO B 121 -34.48 16.13 13.22
C PRO B 121 -35.93 16.11 12.77
N ASP B 122 -36.16 15.90 11.48
CA ASP B 122 -37.52 15.84 10.95
C ASP B 122 -38.24 14.64 11.54
N PHE B 123 -37.59 13.47 11.48
CA PHE B 123 -38.16 12.25 12.02
C PHE B 123 -38.51 12.43 13.49
N TRP B 124 -37.58 13.01 14.24
CA TRP B 124 -37.81 13.20 15.65
C TRP B 124 -38.86 14.23 16.02
N GLU B 125 -39.33 14.98 15.03
CA GLU B 125 -40.39 15.95 15.27
C GLU B 125 -41.76 15.34 15.02
N ARG B 126 -41.86 14.48 14.00
CA ARG B 126 -43.14 13.90 13.62
C ARG B 126 -43.42 12.46 14.05
N VAL B 127 -42.45 11.78 14.66
CA VAL B 127 -42.70 10.40 15.07
C VAL B 127 -42.75 10.29 16.59
N ASN B 128 -43.70 9.51 17.07
CA ASN B 128 -43.89 9.29 18.50
C ASN B 128 -44.26 7.84 18.74
N VAL B 129 -44.34 7.45 20.01
CA VAL B 129 -44.70 6.10 20.34
C VAL B 129 -45.72 6.04 21.46
N ARG B 130 -46.57 5.02 21.42
CA ARG B 130 -47.58 4.79 22.45
C ARG B 130 -47.37 3.37 22.93
N ILE B 131 -47.18 3.20 24.23
CA ILE B 131 -46.94 1.88 24.81
C ILE B 131 -48.24 1.28 25.36
N LYS B 132 -48.58 0.08 24.93
CA LYS B 132 -49.79 -0.59 25.40
C LYS B 132 -49.46 -1.48 26.58
N ASP B 133 -48.41 -2.29 26.44
CA ASP B 133 -47.96 -3.19 27.50
C ASP B 133 -46.50 -3.54 27.29
N ALA B 134 -46.00 -4.53 28.04
CA ALA B 134 -44.61 -4.93 27.96
C ALA B 134 -44.10 -5.33 26.58
N ARG B 135 -44.97 -5.84 25.71
CA ARG B 135 -44.53 -6.26 24.38
C ARG B 135 -45.30 -5.68 23.22
N ASN B 136 -46.18 -4.73 23.49
CA ASN B 136 -46.99 -4.11 22.44
C ASN B 136 -46.87 -2.60 22.44
N PHE B 137 -46.54 -2.04 21.28
CA PHE B 137 -46.43 -0.60 21.15
C PHE B 137 -46.89 -0.16 19.78
N THR B 138 -47.14 1.13 19.64
CA THR B 138 -47.60 1.70 18.39
C THR B 138 -46.74 2.90 17.99
N LEU B 139 -46.20 2.85 16.78
CA LEU B 139 -45.39 3.96 16.28
C LEU B 139 -46.38 4.89 15.57
N ILE B 140 -46.27 6.19 15.84
CA ILE B 140 -47.16 7.19 15.27
C ILE B 140 -46.40 8.20 14.42
N PHE B 141 -46.73 8.26 13.13
CA PHE B 141 -46.08 9.17 12.20
C PHE B 141 -47.11 10.23 11.78
N GLU B 142 -46.82 11.48 12.09
CA GLU B 142 -47.74 12.56 11.74
C GLU B 142 -47.01 13.88 11.55
N PRO B 143 -46.94 14.36 10.31
CA PRO B 143 -47.51 13.75 9.11
C PRO B 143 -46.69 12.55 8.66
N ALA B 144 -47.35 11.57 8.05
CA ALA B 144 -46.66 10.39 7.58
C ALA B 144 -46.01 10.64 6.22
N TYR B 145 -44.88 10.01 5.99
CA TYR B 145 -44.16 10.14 4.73
C TYR B 145 -44.32 8.83 3.95
N TYR B 146 -44.13 8.90 2.64
CA TYR B 146 -44.32 7.72 1.80
C TYR B 146 -43.47 6.50 2.17
N TYR B 147 -42.36 6.73 2.86
CA TYR B 147 -41.45 5.64 3.19
C TYR B 147 -41.48 5.14 4.64
N ASP B 148 -42.42 5.62 5.44
CA ASP B 148 -42.48 5.24 6.84
C ASP B 148 -42.65 3.74 7.15
N THR B 149 -43.17 2.97 6.20
CA THR B 149 -43.34 1.54 6.42
C THR B 149 -42.16 0.73 5.88
N TYR B 150 -41.19 1.41 5.28
CA TYR B 150 -40.01 0.75 4.73
C TYR B 150 -39.05 0.33 5.84
N GLY B 151 -38.78 -0.97 5.94
CA GLY B 151 -37.88 -1.46 6.96
C GLY B 151 -36.42 -1.20 6.63
N PRO B 152 -35.50 -1.50 7.55
CA PRO B 152 -35.77 -2.06 8.88
C PRO B 152 -36.32 -1.08 9.90
N ILE B 153 -36.90 -1.63 10.96
CA ILE B 153 -37.44 -0.83 12.05
C ILE B 153 -36.73 -1.30 13.30
N ASN B 154 -35.90 -0.41 13.85
CA ASN B 154 -35.13 -0.70 15.05
C ASN B 154 -35.25 0.54 15.92
N THR B 155 -36.20 0.52 16.85
CA THR B 155 -36.41 1.64 17.74
C THR B 155 -36.39 1.22 19.20
N TYR B 156 -35.23 0.73 19.65
CA TYR B 156 -35.08 0.34 21.04
C TYR B 156 -33.61 0.28 21.42
N ALA B 157 -33.34 0.37 22.71
CA ALA B 157 -31.98 0.35 23.25
C ALA B 157 -32.11 -0.25 24.65
N PRO B 158 -31.03 -0.85 25.18
CA PRO B 158 -31.08 -1.46 26.52
C PRO B 158 -31.20 -0.52 27.71
N LYS B 159 -32.44 -0.28 28.13
CA LYS B 159 -32.70 0.60 29.25
C LYS B 159 -32.08 0.15 30.57
N HIS B 160 -32.10 -1.15 30.85
CA HIS B 160 -31.53 -1.61 32.11
C HIS B 160 -30.03 -1.40 32.20
N ILE B 161 -29.39 -1.18 31.06
CA ILE B 161 -27.96 -0.96 31.02
C ILE B 161 -27.58 0.52 30.97
N MET B 162 -28.22 1.25 30.07
CA MET B 162 -27.93 2.67 29.86
C MET B 162 -28.84 3.66 30.59
N GLY B 163 -30.00 3.17 31.03
CA GLY B 163 -30.97 4.02 31.70
C GLY B 163 -30.48 4.79 32.92
N PRO B 164 -29.77 4.13 33.85
CA PRO B 164 -29.27 4.83 35.04
C PRO B 164 -28.41 6.05 34.71
N GLU B 165 -27.46 5.88 33.80
CA GLU B 165 -26.61 7.00 33.42
C GLU B 165 -27.45 8.07 32.71
N TRP B 166 -28.41 7.65 31.90
CA TRP B 166 -29.27 8.59 31.19
C TRP B 166 -29.99 9.50 32.18
N GLU B 167 -30.40 8.95 33.31
CA GLU B 167 -31.07 9.75 34.34
C GLU B 167 -30.14 10.84 34.82
N ARG B 168 -28.87 10.50 35.00
CA ARG B 168 -27.87 11.47 35.46
C ARG B 168 -27.68 12.55 34.38
N VAL B 169 -27.65 12.12 33.12
CA VAL B 169 -27.47 13.05 32.01
C VAL B 169 -28.65 14.03 31.92
N LYS B 170 -29.86 13.52 32.07
CA LYS B 170 -31.05 14.38 32.00
C LYS B 170 -31.02 15.42 33.11
N ALA B 171 -30.59 15.00 34.30
CA ALA B 171 -30.52 15.90 35.44
C ALA B 171 -29.55 17.05 35.15
N ALA B 172 -28.42 16.71 34.55
CA ALA B 172 -27.41 17.72 34.22
C ALA B 172 -27.87 18.62 33.06
N ALA B 173 -28.62 18.04 32.14
CA ALA B 173 -29.11 18.80 30.98
C ALA B 173 -30.18 19.83 31.38
N ARG B 174 -30.85 19.59 32.50
CA ARG B 174 -31.88 20.51 32.97
C ARG B 174 -31.34 21.91 33.25
N GLY B 175 -30.05 21.99 33.59
CA GLY B 175 -29.45 23.28 33.88
C GLY B 175 -28.78 23.92 32.68
N LEU B 176 -29.02 23.38 31.49
CA LEU B 176 -28.41 23.90 30.28
C LEU B 176 -29.45 24.41 29.28
N ASP B 177 -29.16 25.56 28.68
CA ASP B 177 -30.04 26.16 27.69
C ASP B 177 -29.60 25.69 26.31
N PRO B 178 -30.47 24.99 25.57
CA PRO B 178 -30.12 24.50 24.24
C PRO B 178 -29.66 25.61 23.30
N ASP B 179 -29.90 26.85 23.68
CA ASP B 179 -29.49 27.99 22.87
C ASP B 179 -28.10 28.47 23.26
N LYS B 180 -28.01 29.15 24.40
CA LYS B 180 -26.74 29.68 24.88
C LYS B 180 -25.71 28.64 25.31
N ASP B 181 -26.18 27.45 25.70
CA ASP B 181 -25.27 26.40 26.14
C ASP B 181 -25.20 25.22 25.16
N ALA B 182 -25.42 25.50 23.88
CA ALA B 182 -25.41 24.45 22.86
C ALA B 182 -24.16 23.56 22.89
N GLU B 183 -22.98 24.16 23.00
CA GLU B 183 -21.75 23.38 23.03
C GLU B 183 -21.69 22.43 24.22
N LYS B 184 -22.00 22.94 25.41
CA LYS B 184 -21.97 22.12 26.61
C LYS B 184 -23.02 21.02 26.56
N LEU B 185 -24.19 21.34 26.00
CA LEU B 185 -25.26 20.36 25.90
C LEU B 185 -24.86 19.24 24.94
N ASN B 186 -24.23 19.61 23.84
CA ASN B 186 -23.78 18.62 22.86
C ASN B 186 -22.77 17.69 23.51
N GLU B 187 -21.84 18.28 24.27
CA GLU B 187 -20.80 17.54 24.96
C GLU B 187 -21.41 16.53 25.95
N LEU B 188 -22.42 16.97 26.69
CA LEU B 188 -23.08 16.12 27.67
C LEU B 188 -23.63 14.86 27.00
N TYR B 189 -24.33 15.04 25.88
CA TYR B 189 -24.91 13.90 25.18
C TYR B 189 -23.85 13.01 24.52
N ARG B 190 -22.82 13.61 23.94
CA ARG B 190 -21.78 12.81 23.31
C ARG B 190 -21.11 11.93 24.37
N ASN B 191 -20.84 12.50 25.54
CA ASN B 191 -20.20 11.73 26.60
C ASN B 191 -21.03 10.56 27.07
N PHE B 192 -22.35 10.74 27.05
CA PHE B 192 -23.28 9.68 27.45
C PHE B 192 -23.06 8.46 26.54
N PHE B 193 -23.09 8.67 25.23
CA PHE B 193 -22.89 7.57 24.31
C PHE B 193 -21.48 6.99 24.39
N LEU B 194 -20.49 7.86 24.55
CA LEU B 194 -19.10 7.40 24.63
C LEU B 194 -18.85 6.45 25.78
N LYS B 195 -19.59 6.62 26.87
CA LYS B 195 -19.43 5.76 28.03
C LYS B 195 -19.75 4.30 27.71
N PHE B 196 -20.57 4.10 26.68
CA PHE B 196 -20.98 2.76 26.27
C PHE B 196 -20.58 2.40 24.85
N ALA B 197 -19.60 3.10 24.27
CA ALA B 197 -19.28 2.83 22.87
C ALA B 197 -17.82 2.77 22.45
N THR B 198 -16.89 2.90 23.39
CA THR B 198 -15.47 2.83 23.05
C THR B 198 -14.98 1.40 23.17
N PRO B 199 -13.84 1.08 22.52
CA PRO B 199 -13.33 -0.29 22.61
C PRO B 199 -13.09 -0.75 24.05
N GLN B 200 -12.48 0.09 24.88
CA GLN B 200 -12.22 -0.31 26.26
C GLN B 200 -13.50 -0.54 27.04
N ALA B 201 -14.46 0.37 26.89
CA ALA B 201 -15.72 0.22 27.62
C ALA B 201 -16.40 -1.07 27.18
N LEU B 202 -16.45 -1.33 25.88
CA LEU B 202 -17.09 -2.53 25.37
C LEU B 202 -16.35 -3.80 25.80
N ASN B 203 -15.02 -3.75 25.79
CA ASN B 203 -14.24 -4.92 26.20
C ASN B 203 -14.48 -5.26 27.67
N ARG B 204 -14.81 -4.24 28.45
CA ARG B 204 -15.08 -4.43 29.87
C ARG B 204 -16.55 -4.79 30.14
N GLY B 205 -17.30 -5.01 29.06
CA GLY B 205 -18.70 -5.39 29.19
C GLY B 205 -19.72 -4.30 29.39
N ALA B 206 -19.45 -3.11 28.86
CA ALA B 206 -20.37 -1.99 29.02
C ALA B 206 -21.74 -2.16 28.38
N MET B 207 -21.84 -2.99 27.34
CA MET B 207 -23.12 -3.19 26.65
C MET B 207 -23.61 -4.63 26.63
N VAL B 208 -24.87 -4.79 26.24
CA VAL B 208 -25.49 -6.09 26.06
C VAL B 208 -25.98 -6.04 24.61
N TYR B 209 -26.21 -7.22 24.04
CA TYR B 209 -26.57 -7.31 22.63
C TYR B 209 -27.87 -8.04 22.35
N SER B 210 -28.51 -7.70 21.24
CA SER B 210 -29.79 -8.31 20.87
C SER B 210 -29.74 -9.08 19.56
N GLY B 211 -28.60 -9.03 18.87
CA GLY B 211 -28.49 -9.70 17.60
C GLY B 211 -28.05 -11.16 17.66
N PRO B 212 -27.84 -11.77 16.50
CA PRO B 212 -27.42 -13.18 16.43
C PRO B 212 -26.04 -13.42 17.04
N PHE B 213 -25.29 -12.34 17.25
CA PHE B 213 -23.96 -12.42 17.84
C PHE B 213 -23.80 -11.36 18.93
N LYS B 214 -22.82 -11.55 19.79
CA LYS B 214 -22.54 -10.62 20.88
C LYS B 214 -21.04 -10.32 20.86
N LEU B 215 -20.67 -9.11 21.28
CA LEU B 215 -19.27 -8.72 21.26
C LEU B 215 -18.40 -9.34 22.34
N LYS B 216 -17.25 -9.86 21.94
CA LYS B 216 -16.31 -10.48 22.85
C LYS B 216 -15.12 -9.54 23.08
N ARG B 217 -14.51 -9.09 22.00
CA ARG B 217 -13.36 -8.20 22.10
C ARG B 217 -13.11 -7.36 20.86
N TRP B 218 -12.73 -6.11 21.10
CA TRP B 218 -12.41 -5.17 20.04
C TRP B 218 -10.96 -4.75 20.26
N VAL B 219 -10.07 -5.21 19.40
CA VAL B 219 -8.66 -4.84 19.49
C VAL B 219 -8.52 -3.63 18.58
N PRO B 220 -8.34 -2.44 19.16
CA PRO B 220 -8.20 -1.22 18.36
C PRO B 220 -7.31 -1.32 17.13
N GLY B 221 -7.87 -0.91 15.99
CA GLY B 221 -7.15 -0.92 14.73
C GLY B 221 -6.88 -2.29 14.14
N ASN B 222 -7.35 -3.35 14.80
CA ASN B 222 -7.10 -4.69 14.29
C ASN B 222 -8.29 -5.57 14.04
N SER B 223 -9.15 -5.74 15.04
CA SER B 223 -10.27 -6.65 14.88
C SER B 223 -11.38 -6.50 15.90
N ILE B 224 -12.52 -7.08 15.56
CA ILE B 224 -13.68 -7.13 16.42
C ILE B 224 -14.15 -8.57 16.36
N GLU B 225 -14.10 -9.25 17.51
CA GLU B 225 -14.51 -10.65 17.61
C GLU B 225 -15.88 -10.73 18.26
N MET B 226 -16.78 -11.47 17.61
CA MET B 226 -18.15 -11.63 18.10
C MET B 226 -18.50 -13.11 18.21
N GLU B 227 -19.15 -13.49 19.30
CA GLU B 227 -19.56 -14.88 19.54
C GLU B 227 -21.05 -15.03 19.30
N ARG B 228 -21.48 -16.21 18.87
CA ARG B 228 -22.90 -16.43 18.62
C ARG B 228 -23.68 -16.19 19.92
N ASN B 229 -24.81 -15.51 19.79
CA ASN B 229 -25.67 -15.17 20.93
C ASN B 229 -26.78 -16.21 21.07
N PRO B 230 -26.69 -17.08 22.09
CA PRO B 230 -27.72 -18.10 22.29
C PRO B 230 -29.11 -17.55 22.62
N ASN B 231 -29.16 -16.29 23.03
CA ASN B 231 -30.44 -15.67 23.37
C ASN B 231 -31.22 -15.18 22.16
N PHE B 232 -30.60 -15.20 20.99
CA PHE B 232 -31.28 -14.78 19.77
C PHE B 232 -32.34 -15.84 19.47
N PRO B 233 -33.61 -15.42 19.33
CA PRO B 233 -34.73 -16.34 19.06
C PRO B 233 -34.86 -17.06 17.72
N ILE B 234 -34.33 -16.50 16.63
CA ILE B 234 -34.46 -17.17 15.35
C ILE B 234 -33.40 -18.24 15.16
N LYS B 235 -33.85 -19.49 15.08
CA LYS B 235 -32.94 -20.62 14.90
C LYS B 235 -32.97 -21.07 13.45
N PRO B 236 -31.79 -21.13 12.81
CA PRO B 236 -31.69 -21.54 11.41
C PRO B 236 -32.01 -23.02 11.20
N GLU B 237 -32.43 -23.36 9.98
CA GLU B 237 -32.79 -24.74 9.65
C GLU B 237 -31.64 -25.71 9.88
N GLY B 238 -31.91 -26.77 10.64
CA GLY B 238 -30.89 -27.77 10.92
C GLY B 238 -30.20 -27.59 12.26
N GLY B 239 -30.44 -26.46 12.92
CA GLY B 239 -29.81 -26.22 14.21
C GLY B 239 -28.64 -25.25 14.12
N GLU B 240 -28.45 -24.48 15.18
CA GLU B 240 -27.38 -23.49 15.24
C GLU B 240 -25.97 -24.03 15.04
N SER B 241 -25.72 -25.24 15.50
CA SER B 241 -24.39 -25.83 15.39
C SER B 241 -23.86 -25.93 13.95
N LYS B 242 -24.75 -25.94 12.99
CA LYS B 242 -24.35 -26.04 11.58
C LYS B 242 -23.98 -24.70 10.96
N TYR B 243 -24.13 -23.63 11.74
CA TYR B 243 -23.84 -22.28 11.26
C TYR B 243 -22.66 -21.67 12.00
N VAL B 244 -22.13 -20.55 11.49
CA VAL B 244 -20.97 -19.93 12.10
C VAL B 244 -21.17 -19.60 13.57
N GLN B 245 -20.15 -19.89 14.37
CA GLN B 245 -20.17 -19.69 15.81
C GLN B 245 -19.44 -18.44 16.25
N LYS B 246 -18.66 -17.87 15.36
CA LYS B 246 -17.90 -16.67 15.68
C LYS B 246 -17.68 -15.85 14.42
N VAL B 247 -17.81 -14.54 14.54
CA VAL B 247 -17.60 -13.64 13.42
C VAL B 247 -16.49 -12.69 13.83
N VAL B 248 -15.48 -12.56 12.98
CA VAL B 248 -14.36 -11.70 13.28
C VAL B 248 -14.11 -10.71 12.15
N TYR B 249 -14.20 -9.42 12.44
CA TYR B 249 -13.90 -8.41 11.45
C TYR B 249 -12.43 -8.08 11.60
N ARG B 250 -11.72 -8.02 10.48
CA ARG B 250 -10.31 -7.68 10.47
C ARG B 250 -10.19 -6.37 9.69
N PHE B 251 -9.51 -5.41 10.28
CA PHE B 251 -9.35 -4.09 9.67
C PHE B 251 -7.97 -3.88 9.07
N ILE B 252 -7.95 -3.58 7.77
CA ILE B 252 -6.71 -3.29 7.05
C ILE B 252 -7.11 -2.06 6.23
N GLN B 253 -6.71 -0.90 6.72
CA GLN B 253 -7.13 0.37 6.12
C GLN B 253 -6.54 0.76 4.77
N ASN B 254 -5.37 0.24 4.42
CA ASN B 254 -4.84 0.52 3.09
C ASN B 254 -5.52 -0.53 2.22
N THR B 255 -6.32 -0.11 1.24
CA THR B 255 -7.04 -1.07 0.42
C THR B 255 -6.17 -2.03 -0.39
N ASN B 256 -4.97 -1.61 -0.77
CA ASN B 256 -4.10 -2.53 -1.50
C ASN B 256 -3.62 -3.61 -0.53
N SER B 257 -3.30 -3.24 0.69
CA SER B 257 -2.88 -4.22 1.69
C SER B 257 -4.03 -5.18 1.98
N LEU B 258 -5.26 -4.66 2.00
CA LEU B 258 -6.42 -5.52 2.24
C LEU B 258 -6.54 -6.49 1.07
N LEU B 259 -6.34 -5.99 -0.16
CA LEU B 259 -6.42 -6.82 -1.35
C LEU B 259 -5.43 -7.98 -1.23
N VAL B 260 -4.20 -7.68 -0.84
CA VAL B 260 -3.17 -8.71 -0.68
C VAL B 260 -3.63 -9.76 0.33
N ALA B 261 -4.17 -9.31 1.46
CA ALA B 261 -4.65 -10.23 2.48
C ALA B 261 -5.77 -11.12 1.96
N VAL B 262 -6.70 -10.52 1.22
CA VAL B 262 -7.81 -11.29 0.66
C VAL B 262 -7.30 -12.35 -0.31
N ILE B 263 -6.35 -11.98 -1.15
CA ILE B 263 -5.78 -12.92 -2.11
C ILE B 263 -5.10 -14.07 -1.37
N GLY B 264 -4.46 -13.75 -0.24
CA GLY B 264 -3.75 -14.74 0.56
C GLY B 264 -4.57 -15.90 1.07
N GLY B 265 -5.88 -15.70 1.25
CA GLY B 265 -6.74 -16.78 1.70
C GLY B 265 -7.18 -16.86 3.14
N SER B 266 -6.69 -15.98 4.01
CA SER B 266 -7.08 -16.05 5.43
C SER B 266 -8.39 -15.34 5.75
N ILE B 267 -8.98 -14.68 4.77
CA ILE B 267 -10.23 -13.96 4.96
C ILE B 267 -11.37 -14.69 4.23
N ASP B 268 -12.45 -14.98 4.96
CA ASP B 268 -13.57 -15.71 4.38
C ASP B 268 -14.49 -14.91 3.47
N ALA B 269 -14.67 -13.63 3.80
CA ALA B 269 -15.54 -12.78 3.00
C ALA B 269 -15.17 -11.33 3.22
N THR B 270 -15.57 -10.46 2.31
CA THR B 270 -15.29 -9.05 2.46
C THR B 270 -16.55 -8.28 2.81
N SER B 271 -16.34 -7.16 3.48
CA SER B 271 -17.39 -6.25 3.93
C SER B 271 -17.87 -5.36 2.78
N SER B 272 -18.97 -4.65 2.99
CA SER B 272 -19.44 -3.71 1.98
C SER B 272 -18.46 -2.53 1.98
N VAL B 273 -17.64 -2.44 3.02
CA VAL B 273 -16.64 -1.38 3.12
C VAL B 273 -15.28 -2.07 3.13
N SER B 274 -14.81 -2.43 1.95
CA SER B 274 -13.54 -3.14 1.82
C SER B 274 -12.76 -2.72 0.57
N LEU B 275 -12.83 -3.55 -0.47
CA LEU B 275 -12.11 -3.29 -1.71
C LEU B 275 -12.93 -2.40 -2.65
N THR B 276 -12.23 -1.68 -3.53
CA THR B 276 -12.92 -0.82 -4.48
C THR B 276 -13.16 -1.60 -5.78
N PHE B 277 -14.04 -1.06 -6.62
CA PHE B 277 -14.43 -1.71 -7.87
C PHE B 277 -13.27 -2.20 -8.72
N ASP B 278 -12.28 -1.33 -8.94
CA ASP B 278 -11.11 -1.67 -9.74
C ASP B 278 -10.33 -2.85 -9.17
N GLN B 279 -10.26 -2.93 -7.84
CA GLN B 279 -9.54 -4.03 -7.19
C GLN B 279 -10.25 -5.36 -7.39
N GLY B 280 -11.57 -5.33 -7.39
CA GLY B 280 -12.35 -6.53 -7.56
C GLY B 280 -12.15 -7.18 -8.92
N ARG B 281 -11.70 -6.41 -9.89
CA ARG B 281 -11.46 -6.96 -11.22
C ARG B 281 -9.98 -6.92 -11.62
N SER B 282 -9.12 -6.73 -10.63
CA SER B 282 -7.68 -6.69 -10.88
C SER B 282 -7.17 -8.10 -11.15
N PRO B 283 -6.18 -8.24 -12.03
CA PRO B 283 -5.64 -9.57 -12.35
C PRO B 283 -5.06 -10.34 -11.16
N GLN B 284 -4.40 -9.64 -10.25
CA GLN B 284 -3.83 -10.31 -9.09
C GLN B 284 -4.88 -11.03 -8.25
N LEU B 285 -6.11 -10.53 -8.28
CA LEU B 285 -7.20 -11.16 -7.52
C LEU B 285 -7.93 -12.19 -8.39
N VAL B 286 -8.33 -11.76 -9.58
CA VAL B 286 -9.06 -12.63 -10.49
C VAL B 286 -8.31 -13.94 -10.79
N ARG B 287 -7.00 -13.85 -10.98
CA ARG B 287 -6.21 -15.03 -11.30
C ARG B 287 -6.00 -15.97 -10.12
N ARG B 288 -6.31 -15.50 -8.91
CA ARG B 288 -6.17 -16.32 -7.72
C ARG B 288 -7.52 -16.77 -7.14
N ALA B 289 -8.59 -16.40 -7.82
CA ALA B 289 -9.94 -16.76 -7.38
C ALA B 289 -10.39 -18.20 -7.69
N PRO B 290 -10.02 -18.73 -8.88
CA PRO B 290 -10.43 -20.09 -9.24
C PRO B 290 -10.34 -21.15 -8.15
N GLY B 291 -11.47 -21.76 -7.83
CA GLY B 291 -11.52 -22.81 -6.82
C GLY B 291 -11.28 -22.35 -5.40
N ARG B 292 -11.20 -21.04 -5.19
CA ARG B 292 -10.95 -20.49 -3.86
C ARG B 292 -12.01 -19.49 -3.42
N PHE B 293 -12.35 -18.56 -4.31
CA PHE B 293 -13.32 -17.52 -4.01
C PHE B 293 -14.20 -17.14 -5.19
N ASP B 294 -15.39 -16.64 -4.88
CA ASP B 294 -16.31 -16.15 -5.89
C ASP B 294 -16.17 -14.63 -5.76
N ILE B 295 -16.30 -13.92 -6.88
CA ILE B 295 -16.23 -12.47 -6.86
C ILE B 295 -17.54 -11.95 -7.42
N TRP B 296 -18.22 -11.10 -6.66
CA TRP B 296 -19.50 -10.55 -7.08
C TRP B 296 -19.48 -9.03 -7.08
N PHE B 297 -20.30 -8.42 -7.93
CA PHE B 297 -20.41 -6.96 -7.97
C PHE B 297 -21.89 -6.70 -7.78
N VAL B 298 -22.23 -6.01 -6.70
CA VAL B 298 -23.62 -5.73 -6.36
C VAL B 298 -23.97 -4.26 -6.50
N PRO B 299 -24.99 -3.95 -7.31
CA PRO B 299 -25.42 -2.57 -7.50
C PRO B 299 -26.07 -2.06 -6.22
N GLY B 300 -26.09 -0.74 -6.07
CA GLY B 300 -26.70 -0.15 -4.89
C GLY B 300 -26.81 1.35 -5.06
N ALA B 301 -27.23 2.03 -4.00
CA ALA B 301 -27.35 3.49 -4.04
C ALA B 301 -26.13 4.02 -3.30
N ILE B 302 -25.01 4.00 -3.99
CA ILE B 302 -23.72 4.43 -3.44
C ILE B 302 -23.23 5.56 -4.33
N TRP B 303 -23.25 6.77 -3.78
CA TRP B 303 -22.90 7.96 -4.54
C TRP B 303 -21.58 8.61 -4.16
N GLU B 304 -20.55 8.38 -4.97
CA GLU B 304 -19.24 8.98 -4.75
C GLU B 304 -19.39 10.44 -5.18
N HIS B 305 -18.97 11.36 -4.32
CA HIS B 305 -19.14 12.78 -4.60
C HIS B 305 -18.12 13.60 -3.82
N ILE B 306 -18.13 14.89 -4.05
CA ILE B 306 -17.25 15.81 -3.33
C ILE B 306 -18.09 16.92 -2.70
N ASP B 307 -18.15 16.93 -1.37
CA ASP B 307 -18.88 17.98 -0.70
C ASP B 307 -18.01 19.23 -0.69
N ILE B 308 -18.67 20.38 -0.62
CA ILE B 308 -18.00 21.67 -0.63
C ILE B 308 -18.47 22.51 0.55
N ASN B 309 -17.53 23.01 1.35
CA ASN B 309 -17.90 23.84 2.48
C ASN B 309 -18.40 25.18 1.95
N LYS B 310 -19.67 25.49 2.21
CA LYS B 310 -20.25 26.74 1.75
C LYS B 310 -20.62 27.68 2.91
N PHE B 311 -20.02 27.44 4.08
CA PHE B 311 -20.28 28.30 5.24
C PHE B 311 -19.44 29.57 5.15
N GLU B 312 -20.11 30.67 4.83
CA GLU B 312 -19.47 31.98 4.68
C GLU B 312 -18.67 32.45 5.89
N ASN B 313 -19.07 32.02 7.09
CA ASN B 313 -18.37 32.42 8.29
C ASN B 313 -16.93 31.92 8.35
N CYS B 314 -16.59 30.93 7.52
CA CYS B 314 -15.22 30.43 7.46
C CYS B 314 -14.52 31.31 6.46
N GLN B 315 -13.48 32.01 6.90
CA GLN B 315 -12.75 32.91 6.03
C GLN B 315 -12.27 32.27 4.73
N VAL B 316 -11.79 31.02 4.82
CA VAL B 316 -11.30 30.32 3.63
C VAL B 316 -12.40 30.16 2.58
N VAL B 317 -13.61 29.83 3.04
CA VAL B 317 -14.74 29.66 2.16
C VAL B 317 -15.05 30.97 1.44
N LYS B 318 -15.03 32.07 2.20
CA LYS B 318 -15.30 33.39 1.64
C LYS B 318 -14.19 33.77 0.65
N ASP B 319 -12.94 33.51 1.05
CA ASP B 319 -11.79 33.82 0.20
C ASP B 319 -11.86 33.14 -1.17
N LEU B 320 -12.20 31.85 -1.17
CA LEU B 320 -12.26 31.09 -2.42
C LEU B 320 -13.58 31.25 -3.18
N GLY B 321 -14.58 31.85 -2.53
CA GLY B 321 -15.86 32.04 -3.17
C GLY B 321 -16.59 30.72 -3.41
N LEU B 322 -16.44 29.78 -2.48
CA LEU B 322 -17.08 28.48 -2.63
C LEU B 322 -18.60 28.57 -2.58
N ASN B 323 -19.12 29.67 -2.07
CA ASN B 323 -20.58 29.85 -1.98
C ASN B 323 -21.19 30.31 -3.31
N ASP B 324 -20.34 30.68 -4.26
CA ASP B 324 -20.82 31.11 -5.58
C ASP B 324 -20.91 29.86 -6.43
N LYS B 325 -22.09 29.59 -6.99
CA LYS B 325 -22.24 28.39 -7.81
C LYS B 325 -21.26 28.34 -8.98
N ARG B 326 -20.83 29.49 -9.47
CA ARG B 326 -19.89 29.51 -10.59
C ARG B 326 -18.57 28.85 -10.22
N THR B 327 -18.17 28.99 -8.96
CA THR B 327 -16.93 28.38 -8.51
C THR B 327 -17.06 26.86 -8.53
N ARG B 328 -18.21 26.37 -8.08
CA ARG B 328 -18.45 24.94 -8.04
C ARG B 328 -18.60 24.37 -9.46
N GLN B 329 -19.23 25.13 -10.35
CA GLN B 329 -19.39 24.69 -11.73
C GLN B 329 -18.02 24.67 -12.41
N ALA B 330 -17.18 25.66 -12.12
CA ALA B 330 -15.85 25.72 -12.69
C ALA B 330 -15.04 24.50 -12.27
N ILE B 331 -15.07 24.16 -10.98
CA ILE B 331 -14.32 23.01 -10.52
C ILE B 331 -14.83 21.73 -11.20
N LEU B 332 -16.14 21.56 -11.29
CA LEU B 332 -16.67 20.37 -11.92
C LEU B 332 -16.25 20.25 -13.39
N HIS B 333 -16.23 21.37 -14.12
CA HIS B 333 -15.80 21.35 -15.51
C HIS B 333 -14.33 20.95 -15.61
N ALA B 334 -13.58 21.11 -14.51
CA ALA B 334 -12.16 20.78 -14.51
C ALA B 334 -11.89 19.36 -14.02
N LEU B 335 -12.93 18.64 -13.63
CA LEU B 335 -12.78 17.26 -13.17
C LEU B 335 -13.13 16.36 -14.35
N ASN B 336 -12.14 15.66 -14.88
CA ASN B 336 -12.38 14.78 -16.02
C ASN B 336 -12.97 13.47 -15.52
N ARG B 337 -14.23 13.54 -15.11
CA ARG B 337 -14.93 12.38 -14.57
C ARG B 337 -15.10 11.26 -15.57
N GLU B 338 -15.45 11.60 -16.80
CA GLU B 338 -15.62 10.57 -17.82
C GLU B 338 -14.28 9.87 -18.08
N GLY B 339 -13.20 10.64 -18.14
CA GLY B 339 -11.90 10.05 -18.37
C GLY B 339 -11.51 9.16 -17.21
N LEU B 340 -11.87 9.58 -16.01
CA LEU B 340 -11.57 8.83 -14.80
C LEU B 340 -12.29 7.49 -14.77
N VAL B 341 -13.60 7.48 -14.94
CA VAL B 341 -14.31 6.20 -14.89
C VAL B 341 -13.91 5.28 -16.03
N LYS B 342 -13.55 5.83 -17.18
CA LYS B 342 -13.12 5.01 -18.29
C LYS B 342 -11.80 4.32 -17.94
N ALA B 343 -10.82 5.10 -17.51
CA ALA B 343 -9.51 4.58 -17.18
C ALA B 343 -9.50 3.69 -15.94
N PHE B 344 -10.20 4.11 -14.90
CA PHE B 344 -10.23 3.37 -13.64
C PHE B 344 -11.17 2.17 -13.59
N PHE B 345 -12.33 2.29 -14.22
CA PHE B 345 -13.35 1.23 -14.14
C PHE B 345 -13.89 0.76 -15.48
N ASP B 346 -13.26 1.15 -16.58
CA ASP B 346 -13.75 0.79 -17.91
C ASP B 346 -15.19 1.25 -18.06
N GLY B 347 -15.50 2.37 -17.41
CA GLY B 347 -16.83 2.96 -17.47
C GLY B 347 -17.95 2.18 -16.80
N LEU B 348 -17.61 1.10 -16.10
CA LEU B 348 -18.62 0.27 -15.46
C LEU B 348 -19.30 0.91 -14.24
N GLN B 349 -18.66 1.93 -13.68
CA GLN B 349 -19.25 2.71 -12.58
C GLN B 349 -19.37 4.04 -13.32
N PRO B 350 -20.59 4.38 -13.76
CA PRO B 350 -20.88 5.62 -14.50
C PRO B 350 -20.82 6.94 -13.77
N VAL B 351 -20.44 7.97 -14.52
CA VAL B 351 -20.40 9.32 -13.99
C VAL B 351 -21.81 9.66 -13.52
N ALA B 352 -21.90 10.32 -12.37
CA ALA B 352 -23.18 10.73 -11.78
C ALA B 352 -23.37 12.22 -11.97
N HIS B 353 -24.63 12.63 -12.18
CA HIS B 353 -24.96 14.04 -12.38
C HIS B 353 -25.97 14.52 -11.36
N THR B 354 -26.42 13.60 -10.52
CA THR B 354 -27.40 13.87 -9.47
C THR B 354 -27.00 13.03 -8.25
N TRP B 355 -27.68 13.20 -7.13
CA TRP B 355 -27.34 12.47 -5.91
C TRP B 355 -28.11 11.17 -5.70
N ILE B 356 -29.19 11.00 -6.46
CA ILE B 356 -30.02 9.79 -6.35
C ILE B 356 -29.55 8.76 -7.39
N ALA B 357 -29.18 7.58 -6.92
CA ALA B 357 -28.69 6.53 -7.81
C ALA B 357 -29.79 5.92 -8.67
N PRO B 358 -29.43 5.43 -9.86
CA PRO B 358 -30.37 4.81 -10.80
C PRO B 358 -31.24 3.69 -10.23
N VAL B 359 -30.72 2.96 -9.23
CA VAL B 359 -31.51 1.87 -8.64
C VAL B 359 -32.79 2.40 -8.01
N ASN B 360 -32.81 3.69 -7.66
CA ASN B 360 -34.00 4.31 -7.07
C ASN B 360 -34.80 4.94 -8.22
N PRO B 361 -36.08 4.58 -8.36
CA PRO B 361 -36.92 5.14 -9.43
C PRO B 361 -37.05 6.66 -9.47
N LEU B 362 -36.66 7.34 -8.40
CA LEU B 362 -36.73 8.80 -8.37
C LEU B 362 -35.61 9.44 -9.18
N PHE B 363 -34.61 8.63 -9.55
CA PHE B 363 -33.47 9.10 -10.34
C PHE B 363 -33.89 9.89 -11.57
N ASN B 364 -33.31 11.06 -11.76
CA ASN B 364 -33.62 11.89 -12.94
C ASN B 364 -32.41 11.88 -13.87
N PRO B 365 -32.54 11.21 -15.03
CA PRO B 365 -31.44 11.14 -16.00
C PRO B 365 -31.28 12.37 -16.88
N ASN B 366 -32.20 13.33 -16.74
CA ASN B 366 -32.20 14.52 -17.59
C ASN B 366 -31.64 15.82 -17.03
N VAL B 367 -31.00 15.79 -15.86
CA VAL B 367 -30.48 17.02 -15.29
C VAL B 367 -29.27 17.55 -16.06
N LYS B 368 -28.96 18.82 -15.83
CA LYS B 368 -27.83 19.48 -16.47
C LYS B 368 -26.53 18.72 -16.20
N LYS B 369 -25.74 18.53 -17.25
CA LYS B 369 -24.46 17.83 -17.14
C LYS B 369 -23.30 18.79 -17.37
N TYR B 370 -22.23 18.63 -16.61
CA TYR B 370 -21.04 19.47 -16.74
C TYR B 370 -19.88 18.64 -17.28
N GLU B 371 -19.68 18.72 -18.59
CA GLU B 371 -18.62 17.97 -19.25
C GLU B 371 -17.24 18.51 -18.89
N PHE B 372 -16.22 17.69 -19.12
CA PHE B 372 -14.85 18.11 -18.85
C PHE B 372 -14.49 19.16 -19.89
N ASP B 373 -14.20 20.37 -19.45
CA ASP B 373 -13.86 21.46 -20.37
C ASP B 373 -13.12 22.54 -19.58
N LEU B 374 -11.80 22.51 -19.68
CA LEU B 374 -10.98 23.48 -18.96
C LEU B 374 -11.22 24.91 -19.41
N LYS B 375 -11.61 25.10 -20.67
CA LYS B 375 -11.88 26.44 -21.18
C LYS B 375 -13.07 27.05 -20.45
N LYS B 376 -14.12 26.25 -20.27
CA LYS B 376 -15.30 26.75 -19.58
C LYS B 376 -14.99 27.05 -18.12
N ALA B 377 -14.15 26.22 -17.51
CA ALA B 377 -13.76 26.41 -16.12
C ALA B 377 -12.99 27.73 -15.98
N GLU B 378 -12.04 27.95 -16.89
CA GLU B 378 -11.24 29.16 -16.86
C GLU B 378 -12.10 30.41 -17.03
N ALA B 379 -13.08 30.36 -17.92
CA ALA B 379 -13.96 31.49 -18.15
C ALA B 379 -14.80 31.82 -16.91
N LEU B 380 -15.34 30.79 -16.27
CA LEU B 380 -16.15 30.99 -15.07
C LEU B 380 -15.34 31.65 -13.96
N LEU B 381 -14.12 31.16 -13.75
CA LEU B 381 -13.26 31.71 -12.71
C LEU B 381 -12.84 33.14 -13.05
N ALA B 382 -12.61 33.41 -14.33
CA ALA B 382 -12.21 34.75 -14.76
C ALA B 382 -13.32 35.75 -14.46
N GLU B 383 -14.57 35.32 -14.58
CA GLU B 383 -15.71 36.18 -14.32
C GLU B 383 -15.74 36.69 -12.88
N MET B 384 -15.12 35.93 -11.98
CA MET B 384 -15.10 36.30 -10.58
C MET B 384 -13.81 37.00 -10.13
N GLY B 385 -13.04 37.48 -11.11
CA GLY B 385 -11.83 38.22 -10.81
C GLY B 385 -10.52 37.47 -10.69
N TRP B 386 -10.55 36.13 -10.77
CA TRP B 386 -9.33 35.36 -10.66
C TRP B 386 -8.43 35.55 -11.88
N ARG B 387 -7.12 35.68 -11.62
CA ARG B 387 -6.14 35.85 -12.68
C ARG B 387 -4.88 35.10 -12.25
N LYS B 388 -4.25 34.38 -13.17
CA LYS B 388 -3.05 33.63 -12.84
C LYS B 388 -1.90 34.51 -12.40
N GLY B 389 -1.28 34.13 -11.29
CA GLY B 389 -0.15 34.87 -10.79
C GLY B 389 1.12 34.33 -11.39
N PRO B 390 2.29 34.88 -11.05
CA PRO B 390 3.57 34.44 -11.58
C PRO B 390 3.88 32.96 -11.42
N ASP B 391 3.26 32.30 -10.44
CA ASP B 391 3.50 30.88 -10.21
C ASP B 391 2.46 29.96 -10.86
N GLY B 392 1.56 30.52 -11.64
CA GLY B 392 0.55 29.71 -12.31
C GLY B 392 -0.71 29.45 -11.51
N ILE B 393 -0.78 29.95 -10.29
CA ILE B 393 -1.97 29.74 -9.46
C ILE B 393 -2.81 31.00 -9.48
N LEU B 394 -4.13 30.81 -9.57
CA LEU B 394 -5.05 31.94 -9.60
C LEU B 394 -5.01 32.75 -8.30
N GLN B 395 -5.16 34.05 -8.44
CA GLN B 395 -5.17 34.94 -7.30
C GLN B 395 -6.11 36.10 -7.61
N ARG B 396 -6.57 36.75 -6.56
CA ARG B 396 -7.45 37.90 -6.71
C ARG B 396 -7.42 38.69 -5.43
N THR B 397 -7.69 39.99 -5.54
CA THR B 397 -7.72 40.87 -4.39
C THR B 397 -9.11 41.45 -4.22
N VAL B 398 -9.72 41.16 -3.08
CA VAL B 398 -11.06 41.65 -2.77
C VAL B 398 -10.99 42.51 -1.51
N ASN B 399 -11.32 43.78 -1.65
CA ASN B 399 -11.29 44.70 -0.52
C ASN B 399 -9.90 44.75 0.11
N GLY B 400 -8.87 44.68 -0.73
CA GLY B 400 -7.51 44.74 -0.24
C GLY B 400 -6.87 43.43 0.17
N ARG B 401 -7.68 42.39 0.34
CA ARG B 401 -7.16 41.08 0.74
C ARG B 401 -6.83 40.21 -0.48
N THR B 402 -5.56 39.85 -0.62
CA THR B 402 -5.11 39.03 -1.74
C THR B 402 -5.13 37.56 -1.35
N VAL B 403 -5.75 36.73 -2.18
CA VAL B 403 -5.85 35.31 -1.91
C VAL B 403 -5.43 34.46 -3.10
N ARG B 404 -4.82 33.33 -2.82
CA ARG B 404 -4.40 32.38 -3.84
C ARG B 404 -5.39 31.23 -3.84
N PHE B 405 -5.73 30.72 -5.01
CA PHE B 405 -6.70 29.64 -5.08
C PHE B 405 -6.08 28.28 -4.77
N GLU B 406 -5.90 28.01 -3.48
CA GLU B 406 -5.38 26.74 -2.99
C GLU B 406 -6.53 26.22 -2.14
N ILE B 407 -7.06 25.06 -2.53
CA ILE B 407 -8.20 24.48 -1.84
C ILE B 407 -7.87 23.15 -1.17
N GLU B 408 -8.43 22.94 0.01
CA GLU B 408 -8.21 21.71 0.75
C GLU B 408 -9.00 20.59 0.09
N TYR B 409 -8.44 19.39 0.06
CA TYR B 409 -9.10 18.23 -0.53
C TYR B 409 -8.91 17.08 0.46
N VAL B 410 -10.00 16.74 1.14
CA VAL B 410 -10.02 15.68 2.14
C VAL B 410 -10.68 14.40 1.64
N THR B 411 -10.12 13.26 2.01
CA THR B 411 -10.75 11.98 1.72
C THR B 411 -10.21 10.95 2.71
N THR B 412 -10.69 9.71 2.60
CA THR B 412 -10.27 8.64 3.49
C THR B 412 -8.89 8.12 3.15
N ALA B 413 -7.94 8.33 4.07
CA ALA B 413 -6.58 7.86 3.88
C ALA B 413 -6.57 6.34 3.72
N GLY B 414 -5.69 5.84 2.88
CA GLY B 414 -5.61 4.40 2.67
C GLY B 414 -6.47 3.85 1.55
N ASN B 415 -7.49 4.60 1.15
CA ASN B 415 -8.35 4.15 0.06
C ASN B 415 -7.61 4.55 -1.21
N VAL B 416 -6.87 3.60 -1.76
CA VAL B 416 -6.04 3.86 -2.91
C VAL B 416 -6.72 4.47 -4.12
N VAL B 417 -7.89 3.98 -4.51
CA VAL B 417 -8.51 4.58 -5.69
C VAL B 417 -8.84 6.06 -5.46
N ARG B 418 -9.17 6.41 -4.22
CA ARG B 418 -9.46 7.81 -3.91
C ARG B 418 -8.18 8.65 -3.89
N GLU B 419 -7.09 8.06 -3.42
CA GLU B 419 -5.82 8.78 -3.40
C GLU B 419 -5.38 9.02 -4.84
N ARG B 420 -5.66 8.07 -5.72
CA ARG B 420 -5.33 8.21 -7.14
C ARG B 420 -6.24 9.27 -7.75
N THR B 421 -7.51 9.27 -7.36
CA THR B 421 -8.48 10.25 -7.87
C THR B 421 -8.04 11.67 -7.55
N GLN B 422 -7.61 11.89 -6.31
CA GLN B 422 -7.16 13.23 -5.93
C GLN B 422 -6.04 13.72 -6.83
N GLN B 423 -5.06 12.85 -7.09
CA GLN B 423 -3.92 13.18 -7.94
C GLN B 423 -4.34 13.44 -9.38
N PHE B 424 -5.26 12.62 -9.86
CA PHE B 424 -5.77 12.71 -11.22
C PHE B 424 -6.44 14.07 -11.42
N PHE B 425 -7.34 14.43 -10.51
CA PHE B 425 -8.03 15.71 -10.63
C PHE B 425 -7.08 16.89 -10.38
N ALA B 426 -6.17 16.74 -9.41
CA ALA B 426 -5.24 17.81 -9.10
C ALA B 426 -4.41 18.25 -10.30
N GLU B 427 -4.03 17.29 -11.14
CA GLU B 427 -3.23 17.60 -12.32
C GLU B 427 -3.97 18.55 -13.26
N ASP B 428 -5.26 18.31 -13.47
CA ASP B 428 -6.05 19.18 -14.34
C ASP B 428 -6.38 20.51 -13.66
N LEU B 429 -6.69 20.47 -12.37
CA LEU B 429 -7.00 21.69 -11.64
C LEU B 429 -5.80 22.63 -11.69
N LYS B 430 -4.59 22.08 -11.61
CA LYS B 430 -3.39 22.91 -11.65
C LYS B 430 -3.27 23.62 -12.99
N LYS B 431 -3.72 22.98 -14.06
CA LYS B 431 -3.65 23.58 -15.39
C LYS B 431 -4.44 24.88 -15.48
N ILE B 432 -5.51 25.00 -14.70
CA ILE B 432 -6.30 26.22 -14.72
C ILE B 432 -6.00 27.13 -13.53
N GLY B 433 -4.96 26.79 -12.76
CA GLY B 433 -4.58 27.64 -11.65
C GLY B 433 -5.15 27.36 -10.28
N ILE B 434 -5.69 26.16 -10.08
CA ILE B 434 -6.23 25.80 -8.77
C ILE B 434 -5.28 24.80 -8.14
N ALA B 435 -4.69 25.17 -7.01
CA ALA B 435 -3.77 24.31 -6.29
C ALA B 435 -4.58 23.51 -5.29
N VAL B 436 -4.15 22.27 -5.04
CA VAL B 436 -4.83 21.38 -4.11
C VAL B 436 -3.95 20.99 -2.94
N LYS B 437 -4.47 21.15 -1.73
CA LYS B 437 -3.75 20.76 -0.52
C LYS B 437 -4.46 19.52 0.02
N ILE B 438 -3.76 18.38 -0.05
CA ILE B 438 -4.30 17.12 0.43
C ILE B 438 -4.31 17.05 1.94
N ASN B 439 -5.42 16.60 2.51
CA ASN B 439 -5.53 16.48 3.96
C ASN B 439 -6.43 15.29 4.27
N ASN B 440 -5.84 14.10 4.22
CA ASN B 440 -6.58 12.87 4.43
C ASN B 440 -6.39 12.27 5.81
N ALA B 441 -7.38 11.50 6.25
CA ALA B 441 -7.33 10.82 7.54
C ALA B 441 -8.22 9.59 7.45
N PRO B 442 -8.11 8.67 8.41
CA PRO B 442 -8.93 7.46 8.34
C PRO B 442 -10.43 7.71 8.49
N SER B 443 -11.20 6.73 8.04
CA SER B 443 -12.65 6.76 8.12
C SER B 443 -13.17 7.14 9.51
N ALA B 444 -12.59 6.52 10.54
CA ALA B 444 -13.02 6.79 11.92
C ALA B 444 -12.82 8.23 12.34
N VAL B 445 -11.92 8.94 11.65
CA VAL B 445 -11.67 10.34 11.96
C VAL B 445 -12.56 11.25 11.10
N VAL B 446 -12.48 11.11 9.79
CA VAL B 446 -13.25 11.99 8.91
C VAL B 446 -14.76 11.82 8.95
N PHE B 447 -15.23 10.64 9.37
CA PHE B 447 -16.66 10.42 9.44
C PHE B 447 -17.24 10.56 10.85
N ALA B 448 -16.42 10.95 11.81
CA ALA B 448 -16.90 11.16 13.17
C ALA B 448 -17.61 12.52 13.17
N ASP B 449 -18.62 12.67 14.01
CA ASP B 449 -19.37 13.92 14.07
C ASP B 449 -18.50 15.16 14.19
N GLU B 450 -17.47 15.09 15.04
CA GLU B 450 -16.56 16.20 15.27
C GLU B 450 -15.82 16.69 14.05
N PHE B 451 -15.87 15.92 12.96
CA PHE B 451 -15.23 16.33 11.73
C PHE B 451 -16.26 16.60 10.63
N ILE B 452 -16.92 15.54 10.17
CA ILE B 452 -17.89 15.67 9.09
C ILE B 452 -19.04 16.64 9.36
N GLN B 453 -19.52 16.68 10.61
CA GLN B 453 -20.63 17.56 10.97
C GLN B 453 -20.20 18.88 11.61
N ARG B 454 -18.98 19.32 11.29
CA ARG B 454 -18.46 20.56 11.86
C ARG B 454 -17.85 21.51 10.83
N ALA B 455 -18.33 21.46 9.59
CA ALA B 455 -17.84 22.35 8.55
C ALA B 455 -18.14 23.80 8.95
N SER B 456 -19.22 24.01 9.69
CA SER B 456 -19.58 25.36 10.11
C SER B 456 -18.57 25.93 11.10
N GLU B 457 -17.76 25.05 11.68
CA GLU B 457 -16.71 25.47 12.61
C GLU B 457 -15.38 25.39 11.87
N CYS B 458 -15.47 25.22 10.55
CA CYS B 458 -14.33 25.17 9.64
C CYS B 458 -13.36 24.00 9.88
N LYS B 459 -13.89 22.86 10.31
CA LYS B 459 -13.07 21.67 10.54
C LYS B 459 -12.45 21.23 9.21
N TRP B 460 -13.25 21.29 8.15
CA TRP B 460 -12.77 21.00 6.80
C TRP B 460 -13.25 22.25 6.04
N THR B 461 -12.38 22.80 5.19
CA THR B 461 -12.67 24.06 4.52
C THR B 461 -12.76 24.11 3.00
N GLY B 462 -12.79 22.96 2.35
CA GLY B 462 -12.86 22.97 0.90
C GLY B 462 -13.65 21.82 0.35
N MET B 463 -12.94 20.88 -0.27
CA MET B 463 -13.51 19.69 -0.87
C MET B 463 -13.36 18.50 0.07
N PHE B 464 -14.38 17.64 0.10
CA PHE B 464 -14.36 16.45 0.95
C PHE B 464 -15.01 15.33 0.13
N GLU B 465 -14.21 14.39 -0.35
CA GLU B 465 -14.73 13.29 -1.14
C GLU B 465 -14.98 12.01 -0.36
N PHE B 466 -16.17 11.44 -0.55
CA PHE B 466 -16.55 10.17 0.05
C PHE B 466 -17.83 9.74 -0.64
N ALA B 467 -18.45 8.67 -0.14
CA ALA B 467 -19.69 8.20 -0.74
C ALA B 467 -20.80 8.07 0.29
N TRP B 468 -22.01 8.42 -0.13
CA TRP B 468 -23.17 8.25 0.73
C TRP B 468 -23.82 6.94 0.28
N VAL B 469 -24.14 6.09 1.23
CA VAL B 469 -24.82 4.83 0.94
C VAL B 469 -26.24 5.12 1.40
N SER B 470 -27.20 5.02 0.49
CA SER B 470 -28.59 5.32 0.84
C SER B 470 -29.53 4.14 0.89
N ASN B 471 -30.61 4.31 1.65
CA ASN B 471 -31.65 3.29 1.72
C ASN B 471 -32.81 3.86 0.88
N LEU B 472 -33.96 3.20 0.93
CA LEU B 472 -35.10 3.65 0.14
C LEU B 472 -35.90 4.81 0.74
N GLN B 473 -35.50 5.29 1.91
CA GLN B 473 -36.20 6.40 2.53
C GLN B 473 -35.60 7.72 2.06
N GLU B 474 -35.72 7.96 0.76
CA GLU B 474 -35.18 9.18 0.15
C GLU B 474 -36.09 10.39 0.37
N ASP B 475 -35.52 11.44 0.95
CA ASP B 475 -36.27 12.66 1.24
C ASP B 475 -35.51 13.92 0.84
N GLY B 476 -34.35 13.74 0.23
CA GLY B 476 -33.53 14.87 -0.17
C GLY B 476 -32.96 15.66 1.00
N SER B 477 -33.06 15.10 2.19
CA SER B 477 -32.57 15.77 3.40
C SER B 477 -31.08 16.08 3.39
N LEU B 478 -30.31 15.39 2.57
CA LEU B 478 -28.87 15.65 2.49
C LEU B 478 -28.65 17.09 2.00
N PHE B 479 -29.63 17.63 1.31
CA PHE B 479 -29.48 18.98 0.77
C PHE B 479 -30.54 19.98 1.17
N GLN B 480 -31.33 19.65 2.18
CA GLN B 480 -32.35 20.57 2.66
C GLN B 480 -31.79 21.48 3.72
N TYR B 481 -32.27 22.72 3.73
CA TYR B 481 -31.88 23.66 4.77
C TYR B 481 -32.91 23.42 5.86
N LYS B 482 -34.18 23.36 5.45
CA LYS B 482 -35.27 23.15 6.38
C LYS B 482 -36.36 22.29 5.77
N ASN B 483 -36.89 21.35 6.55
CA ASN B 483 -38.00 20.54 6.07
C ASN B 483 -39.21 21.37 6.48
N LEU B 484 -39.99 21.79 5.50
CA LEU B 484 -41.15 22.64 5.76
C LEU B 484 -42.32 22.00 6.50
N ASN B 485 -42.37 20.68 6.55
CA ASN B 485 -43.48 20.01 7.23
C ASN B 485 -43.31 20.04 8.75
N THR B 486 -42.06 20.01 9.20
CA THR B 486 -41.78 20.00 10.63
C THR B 486 -41.01 21.24 11.09
N GLY B 487 -40.42 21.96 10.15
CA GLY B 487 -39.65 23.14 10.49
C GLY B 487 -38.25 22.80 10.95
N ALA B 488 -37.90 21.53 10.88
CA ALA B 488 -36.57 21.08 11.31
C ALA B 488 -35.46 21.55 10.36
N ILE B 489 -34.44 22.18 10.94
CA ILE B 489 -33.29 22.64 10.17
C ILE B 489 -32.36 21.44 10.02
N MET B 490 -31.93 21.16 8.79
CA MET B 490 -31.10 20.00 8.50
C MET B 490 -29.61 20.28 8.32
N VAL B 491 -29.17 21.51 8.58
CA VAL B 491 -27.77 21.88 8.46
C VAL B 491 -27.21 21.89 9.88
N PRO B 492 -26.23 21.02 10.17
CA PRO B 492 -25.67 20.98 11.53
C PRO B 492 -24.76 22.15 11.92
N THR B 493 -25.21 22.92 12.91
CA THR B 493 -24.43 24.05 13.42
C THR B 493 -24.79 24.18 14.89
N LYS B 494 -24.05 25.00 15.62
CA LYS B 494 -24.34 25.17 17.03
C LYS B 494 -25.77 25.69 17.22
N GLU B 495 -26.24 26.50 16.26
CA GLU B 495 -27.57 27.08 16.32
C GLU B 495 -28.74 26.10 16.27
N ASN B 496 -28.52 24.89 15.76
CA ASN B 496 -29.59 23.90 15.72
C ASN B 496 -29.16 22.64 16.47
N ASN B 497 -28.21 22.83 17.38
CA ASN B 497 -27.68 21.74 18.20
C ASN B 497 -27.03 20.62 17.39
N TYR B 498 -26.37 21.02 16.31
CA TYR B 498 -25.63 20.11 15.43
C TYR B 498 -26.45 18.96 14.86
N GLN B 499 -27.66 19.26 14.43
CA GLN B 499 -28.55 18.26 13.87
C GLN B 499 -28.55 18.29 12.35
N GLY B 500 -28.78 17.13 11.73
CA GLY B 500 -28.84 17.07 10.28
C GLY B 500 -27.61 16.58 9.55
N GLN B 501 -27.76 16.36 8.25
CA GLN B 501 -26.69 15.88 7.39
C GLN B 501 -26.33 16.74 6.18
N ASN B 502 -26.86 17.96 6.13
CA ASN B 502 -26.53 18.88 5.04
C ASN B 502 -25.21 19.48 5.53
N ILE B 503 -24.16 18.68 5.46
CA ILE B 503 -22.85 19.06 5.97
C ILE B 503 -22.13 20.21 5.28
N GLY B 504 -22.52 20.49 4.04
CA GLY B 504 -21.90 21.57 3.29
C GLY B 504 -22.58 22.91 3.45
N GLY B 505 -23.69 22.94 4.19
CA GLY B 505 -24.39 24.19 4.45
C GLY B 505 -25.15 24.85 3.31
N TRP B 506 -25.77 24.06 2.44
CA TRP B 506 -26.53 24.62 1.33
C TRP B 506 -27.93 25.04 1.74
N ARG B 507 -28.41 26.12 1.14
CA ARG B 507 -29.77 26.56 1.36
C ARG B 507 -30.38 27.01 0.05
N ASN B 508 -31.45 26.33 -0.34
CA ASN B 508 -32.18 26.68 -1.56
C ASN B 508 -33.63 26.47 -1.17
N ASP B 509 -34.36 27.57 -1.02
CA ASP B 509 -35.74 27.48 -0.57
C ASP B 509 -36.67 26.69 -1.49
N GLU B 510 -36.48 26.79 -2.79
CA GLU B 510 -37.35 26.05 -3.70
C GLU B 510 -37.05 24.55 -3.57
N PHE B 511 -35.78 24.18 -3.42
CA PHE B 511 -35.42 22.79 -3.26
C PHE B 511 -36.12 22.24 -2.01
N ASP B 512 -36.08 23.01 -0.93
CA ASP B 512 -36.71 22.61 0.33
C ASP B 512 -38.22 22.44 0.15
N ARG B 513 -38.83 23.38 -0.56
CA ARG B 513 -40.27 23.32 -0.79
C ARG B 513 -40.66 22.09 -1.58
N LEU B 514 -39.92 21.82 -2.66
CA LEU B 514 -40.20 20.67 -3.50
C LEU B 514 -40.03 19.33 -2.79
N THR B 515 -38.91 19.16 -2.09
CA THR B 515 -38.64 17.91 -1.40
C THR B 515 -39.55 17.71 -0.19
N SER B 516 -39.89 18.78 0.51
CA SER B 516 -40.78 18.68 1.67
C SER B 516 -42.16 18.22 1.21
N GLN B 517 -42.58 18.67 0.03
CA GLN B 517 -43.90 18.27 -0.48
C GLN B 517 -43.83 16.85 -1.05
N ALA B 518 -42.71 16.53 -1.71
CA ALA B 518 -42.55 15.22 -2.32
C ALA B 518 -42.74 14.04 -1.37
N VAL B 519 -42.20 14.15 -0.16
CA VAL B 519 -42.34 13.04 0.79
C VAL B 519 -43.78 12.81 1.25
N LEU B 520 -44.63 13.81 1.04
CA LEU B 520 -46.05 13.72 1.41
C LEU B 520 -46.88 13.13 0.29
N GLU B 521 -46.29 13.03 -0.91
CA GLU B 521 -47.00 12.49 -2.06
C GLU B 521 -46.78 10.98 -2.15
N PHE B 522 -47.79 10.22 -1.75
CA PHE B 522 -47.68 8.77 -1.78
C PHE B 522 -47.82 8.21 -3.19
N ASP B 523 -48.39 9.00 -4.09
CA ASP B 523 -48.54 8.60 -5.49
C ASP B 523 -47.14 8.72 -6.10
N PRO B 524 -46.57 7.60 -6.57
CA PRO B 524 -45.22 7.62 -7.17
C PRO B 524 -44.99 8.65 -8.27
N GLU B 525 -46.00 8.90 -9.09
CA GLU B 525 -45.87 9.86 -10.19
C GLU B 525 -45.75 11.31 -9.71
N ARG B 526 -46.54 11.68 -8.72
CA ARG B 526 -46.51 13.03 -8.18
C ARG B 526 -45.20 13.25 -7.44
N ARG B 527 -44.81 12.24 -6.67
CA ARG B 527 -43.57 12.29 -5.90
C ARG B 527 -42.39 12.43 -6.86
N LYS B 528 -42.42 11.66 -7.95
CA LYS B 528 -41.36 11.69 -8.94
C LYS B 528 -41.18 13.05 -9.60
N GLN B 529 -42.28 13.69 -10.00
CA GLN B 529 -42.18 14.99 -10.65
C GLN B 529 -41.51 16.00 -9.72
N LEU B 530 -41.90 15.98 -8.46
CA LEU B 530 -41.31 16.91 -7.50
C LEU B 530 -39.82 16.63 -7.30
N PHE B 531 -39.45 15.36 -7.19
CA PHE B 531 -38.05 15.01 -7.02
C PHE B 531 -37.23 15.29 -8.28
N TRP B 532 -37.87 15.18 -9.45
CA TRP B 532 -37.17 15.45 -10.69
C TRP B 532 -36.85 16.95 -10.78
N ARG B 533 -37.81 17.78 -10.37
CA ARG B 533 -37.61 19.22 -10.36
C ARG B 533 -36.51 19.56 -9.35
N ALA B 534 -36.55 18.91 -8.19
CA ALA B 534 -35.54 19.15 -7.16
C ALA B 534 -34.13 18.83 -7.69
N GLN B 535 -34.00 17.73 -8.42
CA GLN B 535 -32.71 17.35 -8.99
C GLN B 535 -32.27 18.33 -10.07
N GLU B 536 -33.22 18.90 -10.80
CA GLU B 536 -32.90 19.87 -11.84
C GLU B 536 -32.25 21.10 -11.19
N ILE B 537 -32.87 21.60 -10.13
CA ILE B 537 -32.34 22.75 -9.40
C ILE B 537 -30.99 22.40 -8.78
N TRP B 538 -30.91 21.22 -8.19
CA TRP B 538 -29.69 20.74 -7.56
C TRP B 538 -28.52 20.77 -8.56
N ALA B 539 -28.76 20.26 -9.76
CA ALA B 539 -27.71 20.22 -10.79
C ALA B 539 -27.31 21.62 -11.24
N GLU B 540 -28.25 22.55 -11.27
CA GLU B 540 -27.95 23.91 -11.67
C GLU B 540 -27.06 24.61 -10.64
N GLU B 541 -27.26 24.27 -9.37
CA GLU B 541 -26.51 24.89 -8.28
C GLU B 541 -25.27 24.15 -7.76
N LEU B 542 -25.20 22.85 -8.02
CA LEU B 542 -24.07 22.02 -7.57
C LEU B 542 -23.62 22.24 -6.13
N PRO B 543 -24.52 22.02 -5.15
CA PRO B 543 -24.11 22.20 -3.75
C PRO B 543 -23.01 21.21 -3.38
N ALA B 544 -22.96 20.10 -4.12
CA ALA B 544 -21.92 19.08 -3.96
C ALA B 544 -21.59 18.67 -5.39
N LEU B 545 -20.40 18.11 -5.59
CA LEU B 545 -20.00 17.68 -6.93
C LEU B 545 -20.21 16.18 -7.09
N PRO B 546 -21.12 15.78 -7.99
CA PRO B 546 -21.36 14.35 -8.18
C PRO B 546 -20.20 13.74 -8.97
N LEU B 547 -19.73 12.56 -8.56
CA LEU B 547 -18.64 11.92 -9.29
C LEU B 547 -19.13 10.69 -10.05
N TYR B 548 -19.45 9.61 -9.34
CA TYR B 548 -19.94 8.41 -9.99
C TYR B 548 -20.75 7.52 -9.06
N PHE B 549 -21.54 6.63 -9.65
CA PHE B 549 -22.36 5.70 -8.89
C PHE B 549 -21.59 4.39 -8.80
N ARG B 550 -21.53 3.83 -7.59
CA ARG B 550 -20.78 2.62 -7.34
C ARG B 550 -21.55 1.32 -7.17
N ALA B 551 -20.81 0.23 -7.35
CA ALA B 551 -21.31 -1.13 -7.16
C ALA B 551 -20.25 -1.72 -6.22
N ASN B 552 -20.68 -2.44 -5.19
CA ASN B 552 -19.76 -3.05 -4.24
C ASN B 552 -19.25 -4.41 -4.67
N PRO B 553 -17.93 -4.62 -4.66
CA PRO B 553 -17.40 -5.92 -5.04
C PRO B 553 -17.31 -6.77 -3.77
N TYR B 554 -17.66 -8.05 -3.87
CA TYR B 554 -17.57 -8.94 -2.72
C TYR B 554 -16.76 -10.16 -3.10
N VAL B 555 -15.83 -10.54 -2.23
CA VAL B 555 -15.02 -11.72 -2.44
C VAL B 555 -15.49 -12.68 -1.35
N VAL B 556 -16.05 -13.81 -1.77
CA VAL B 556 -16.62 -14.77 -0.83
C VAL B 556 -16.05 -16.17 -1.04
N ARG B 557 -15.55 -16.76 0.05
CA ARG B 557 -14.95 -18.09 -0.04
C ARG B 557 -15.92 -19.14 -0.52
N LYS B 558 -15.42 -20.09 -1.31
CA LYS B 558 -16.23 -21.19 -1.79
C LYS B 558 -16.79 -21.89 -0.57
N GLY B 559 -18.04 -22.32 -0.65
CA GLY B 559 -18.64 -23.03 0.47
C GLY B 559 -19.48 -22.21 1.43
N LEU B 560 -19.25 -20.89 1.47
CA LEU B 560 -20.02 -20.04 2.38
C LEU B 560 -21.40 -19.78 1.78
N VAL B 561 -22.44 -20.01 2.57
CA VAL B 561 -23.80 -19.78 2.09
C VAL B 561 -24.55 -18.74 2.91
N ASN B 562 -25.44 -18.04 2.22
CA ASN B 562 -26.29 -17.01 2.77
C ASN B 562 -25.63 -15.67 3.10
N TYR B 563 -24.36 -15.52 2.73
CA TYR B 563 -23.65 -14.26 2.93
C TYR B 563 -23.96 -13.56 1.61
N VAL B 564 -25.11 -12.92 1.56
CA VAL B 564 -25.60 -12.27 0.35
C VAL B 564 -26.05 -10.83 0.56
N ALA B 565 -25.78 -9.99 -0.44
CA ALA B 565 -26.18 -8.60 -0.39
C ALA B 565 -26.96 -8.24 -1.65
N SER B 566 -27.78 -7.20 -1.57
CA SER B 566 -28.56 -6.72 -2.69
C SER B 566 -28.50 -5.20 -2.63
N ALA B 567 -29.16 -4.53 -3.56
CA ALA B 567 -29.14 -3.07 -3.58
C ALA B 567 -29.57 -2.44 -2.26
N TYR B 568 -30.56 -3.03 -1.61
CA TYR B 568 -31.08 -2.49 -0.36
C TYR B 568 -31.23 -3.48 0.80
N SER B 569 -30.56 -4.62 0.70
CA SER B 569 -30.64 -5.62 1.76
C SER B 569 -30.22 -4.99 3.09
N GLY B 570 -31.00 -5.23 4.14
CA GLY B 570 -30.68 -4.65 5.43
C GLY B 570 -30.92 -3.15 5.43
N GLY B 571 -31.59 -2.68 4.38
CA GLY B 571 -31.88 -1.25 4.27
C GLY B 571 -30.88 -0.52 3.39
N TYR B 572 -29.59 -0.68 3.70
CA TYR B 572 -28.53 0.01 2.97
C TYR B 572 -27.80 -0.82 1.90
N GLY B 573 -28.21 -2.08 1.72
CA GLY B 573 -27.59 -2.90 0.69
C GLY B 573 -26.31 -3.63 1.01
N TYR B 574 -26.15 -4.06 2.24
CA TYR B 574 -24.95 -4.81 2.60
C TYR B 574 -25.30 -6.19 3.15
N PRO B 575 -24.28 -7.04 3.35
CA PRO B 575 -24.52 -8.39 3.87
C PRO B 575 -24.66 -8.34 5.39
N GLY B 576 -25.07 -9.46 5.99
CA GLY B 576 -25.20 -9.52 7.43
C GLY B 576 -26.57 -9.22 8.02
N TRP B 577 -27.55 -9.00 7.16
CA TRP B 577 -28.92 -8.71 7.59
C TRP B 577 -29.67 -9.99 7.99
N ASN B 578 -29.03 -11.13 7.74
CA ASN B 578 -29.59 -12.45 8.03
C ASN B 578 -28.47 -13.26 8.67
N ALA B 579 -27.69 -12.62 9.52
CA ALA B 579 -26.53 -13.23 10.16
C ALA B 579 -26.69 -14.57 10.85
N TRP B 580 -27.90 -14.87 11.31
CA TRP B 580 -28.15 -16.14 12.00
C TRP B 580 -28.17 -17.36 11.09
N GLU B 581 -28.21 -17.14 9.78
CA GLU B 581 -28.25 -18.27 8.85
C GLU B 581 -27.03 -18.39 7.94
N ILE B 582 -25.99 -17.61 8.24
CA ILE B 582 -24.77 -17.68 7.44
C ILE B 582 -23.94 -18.84 7.95
N GLY B 583 -23.49 -19.70 7.04
CA GLY B 583 -22.70 -20.85 7.46
C GLY B 583 -22.00 -21.57 6.32
N TRP B 584 -21.25 -22.60 6.68
CA TRP B 584 -20.50 -23.38 5.71
C TRP B 584 -21.31 -24.58 5.26
N GLU B 585 -21.43 -24.75 3.95
CA GLU B 585 -22.20 -25.87 3.40
C GLU B 585 -21.66 -27.22 3.85
N SER B 586 -20.34 -27.30 4.05
CA SER B 586 -19.71 -28.53 4.50
C SER B 586 -20.15 -28.93 5.90
N ARG B 587 -20.73 -27.97 6.62
CA ARG B 587 -21.19 -28.23 7.98
C ARG B 587 -22.70 -28.41 8.06
N GLY B 588 -23.37 -28.35 6.91
CA GLY B 588 -24.80 -28.54 6.90
C GLY B 588 -25.64 -27.28 6.77
N ALA B 589 -24.99 -26.12 6.66
CA ALA B 589 -25.71 -24.86 6.52
C ALA B 589 -26.64 -24.96 5.31
N VAL B 590 -27.90 -24.60 5.49
CA VAL B 590 -28.88 -24.66 4.41
C VAL B 590 -28.98 -23.34 3.63
N LYS B 591 -28.69 -23.42 2.33
CA LYS B 591 -28.74 -22.25 1.46
C LYS B 591 -30.17 -21.76 1.29
N LYS B 592 -30.39 -20.47 1.51
CA LYS B 592 -31.71 -19.86 1.39
C LYS B 592 -31.71 -18.68 0.43
N TRP B 593 -30.52 -18.19 0.10
CA TRP B 593 -30.38 -17.05 -0.80
C TRP B 593 -29.29 -17.30 -1.82
N ASP B 594 -29.43 -16.68 -2.99
CA ASP B 594 -28.45 -16.83 -4.07
C ASP B 594 -27.96 -15.47 -4.53
N GLN B 595 -26.67 -15.23 -4.37
CA GLN B 595 -26.08 -13.95 -4.75
C GLN B 595 -26.24 -13.61 -6.23
N ALA B 596 -26.21 -14.63 -7.09
CA ALA B 596 -26.33 -14.40 -8.52
C ALA B 596 -27.60 -13.63 -8.90
N LYS B 597 -28.64 -13.79 -8.08
CA LYS B 597 -29.91 -13.13 -8.33
C LYS B 597 -29.88 -11.61 -8.17
N TYR B 598 -28.92 -11.10 -7.40
CA TYR B 598 -28.86 -9.66 -7.17
C TYR B 598 -27.58 -8.98 -7.64
N ALA B 599 -26.65 -9.75 -8.18
CA ALA B 599 -25.39 -9.18 -8.65
C ALA B 599 -25.38 -8.95 -10.14
N LEU B 600 -24.44 -8.14 -10.61
CA LEU B 600 -24.30 -7.87 -12.03
C LEU B 600 -23.86 -9.15 -12.71
N SER B 601 -24.17 -9.28 -14.00
CA SER B 601 -23.82 -10.48 -14.75
C SER B 601 -22.33 -10.83 -14.63
N THR B 602 -21.99 -12.04 -15.06
CA THR B 602 -20.63 -12.56 -15.01
C THR B 602 -20.28 -13.05 -13.60
N ALA C 1 31.37 -8.32 -7.00
CA ALA C 1 30.50 -8.39 -5.80
C ALA C 1 29.06 -7.99 -6.13
N SER C 2 28.23 -8.98 -6.39
CA SER C 2 26.83 -8.74 -6.72
C SER C 2 26.19 -7.87 -5.64
N LYS C 3 25.17 -7.11 -6.01
CA LYS C 3 24.49 -6.24 -5.06
C LYS C 3 23.07 -6.72 -4.79
N PRO C 4 22.56 -6.51 -3.57
CA PRO C 4 21.21 -6.94 -3.22
C PRO C 4 20.10 -5.93 -3.39
N LYS C 5 18.92 -6.43 -3.74
CA LYS C 5 17.73 -5.61 -3.89
C LYS C 5 16.52 -6.51 -3.64
N ALA D 1 -31.37 7.87 7.33
CA ALA D 1 -30.19 8.76 7.11
C ALA D 1 -29.08 8.03 6.39
N SER D 2 -28.65 8.58 5.25
CA SER D 2 -27.58 7.98 4.45
C SER D 2 -26.35 7.77 5.33
N LYS D 3 -25.58 6.72 5.02
CA LYS D 3 -24.37 6.41 5.78
C LYS D 3 -23.14 6.71 4.94
N THR D 4 -22.04 7.01 5.61
CA THR D 4 -20.79 7.36 4.94
C THR D 4 -19.78 6.22 4.82
N LYS D 5 -19.04 6.23 3.71
CA LYS D 5 -17.98 5.25 3.46
C LYS D 5 -16.99 5.84 2.46
#